data_8E9Y
#
_entry.id   8E9Y
#
_cell.length_a   1.00
_cell.length_b   1.00
_cell.length_c   1.00
_cell.angle_alpha   90.00
_cell.angle_beta   90.00
_cell.angle_gamma   90.00
#
_symmetry.space_group_name_H-M   'P 1'
#
loop_
_entity.id
_entity.type
_entity.pdbx_description
1 polymer 'Muscarinic acetylcholine receptor M3'
2 polymer miniGq
3 polymer 'Guanine nucleotide-binding protein G(I)/G(S)/G(T) subunit beta-1'
4 polymer 'Guanine nucleotide-binding protein G(I)/G(S)/G(O) subunit gamma-2'
5 polymer scFv16
6 non-polymer 8-chloro-11-(4-methyl-4-oxo-4lambda~5~-piperazin-1-yl)-5H-dibenzo[b,e][1,4]diazepine
#
loop_
_entity_poly.entity_id
_entity_poly.type
_entity_poly.pdbx_seq_one_letter_code
_entity_poly.pdbx_strand_id
1 'polypeptide(L)'
;AGNFSSPDGTTDDPLGGHTVWQVVFIAFLTGILALVTIIGNILVIVSFKVNKQLKTVNNYFLLSLACADLIIGVISMNLF
TTYIIMNRWALGNLACDLWLAIDCVASNASVMNLLVISFDRYFSITRPLTYRAKRTTKRAGVMIGLAWVISFVLWAPAIL
FWQYFVGKRTVPPGECFIQFLSEPTITFGTAIAGFYMPVTIMTILYWRIYKETEKRTKELAGLQASGTEAETENFVHPAK
RFALKTRSQITKRKRMSLVKEKKAAQTLSAILLAFIITWTPYNIMVLVNTFCDSCIPKTFWNLGYWLCYINSTVNPVCYA
LCNKTFRTTFKMLLLCQCDKKKRRKQQYQQRQSVIFHKRAPEQALGGSGGGGSGGSSSGGGGSGGGGSGGSSSGGVFTLE
DFVGDWEQTAAYNLDQVLEQGGVSSLLQNLAVSVTPIQRIVRSGENALKIDIHVIIPYEGLSADQMAQIEEVFKVVYPVD
DHHFKVILPYGTLVIDGVTPNMLNYFGRPYEGIAVFDGKKITVTGTLWNGNKIIDERLITPDGSMLFRVTINSGGSGGHH
HHHHHHHH
;
A
2 'polypeptide(L)'
;MGSTVSAEDKAAAERSKMIDKNLREDGEKARRTLRLLLLGADNSGKSTIVKQMRILHGGSGGSGGTSGIFETKFQVDKVN
FHMFDVGGQRDERRKWIQCFNDVTAIIFVVDSSDYNRLQEALNDFKSIWNNRWLRTISVILFLNKQDLLAEKVLAGKSKI
EDYFPEFARYTTPEDATPEPGEDPRVTRAKYFIRKEFVDISTASGDGRHICYPHFTCAVDTENARRIFNDCKDIILQMNL
REYNLV
;
B
3 'polypeptide(L)'
;SELDQLRQEAEQLKNQIRDARKACADATLSQITNNIDPVGRIQMRTRRTLRGHLAKIYAMHWGTDSRLLVSASQDGKLII
WDSYTTNKVHAIPLRSSWVMTCAYAPSGNYVACGGLDNICSIYNLKTREGNVRVSRELAGHTGYLSCCRFLDDNQIVTSS
GDTTCALWDIETGQQTTTFTGHTGDVMSLSLAPDTRLFVSGACDASAKLWDVREGMCRQTFTGHESDINAICFFPNGNAF
ATGSDDATCRLFDLRADQELMTYSHDNIICGITSVSFSKSGRLLLAGYDDFNCNVWDALKADRAGVLAGHDNRVSCLGVT
DDGMAVATGSWDSFLKIWNGGSGGGGSGGSSSGGVSGWRLFKKISGGS
;
C
4 'polypeptide(L)' MASNNTASIAQARKLVEQLKMEANIDRIKVSKAAADLMAYCEAHAKEDPLLTPVPASENPFREKKFFCAIL D
5 'polypeptide(L)'
;DVQLVESGGGLVQPGGSRKLSCSASGFAFSSFGMHWVRQAPEKGLEWVAYISSGSGTIYYADTVKGRFTISRDDPKNTLF
LQMTSLRSEDTAMYYCVRSIYYYGSSPFDFWGQGTTLTVSSGGGGSGGGGSGGGGSDIVMTQATSSVPVTPGESVSISCR
SSKSLLHSNGNTYLYWFLQRPGQSPQLLIYRMSNLASGVPDRFSGSGSGTAFTLTISRLEAEDVGVYYCMQHLEYPLTFG
AGTKLELKAAA
;
E
#
# COMPACT_ATOMS: atom_id res chain seq x y z
N VAL A 20 -26.44 10.01 57.47
CA VAL A 20 -26.61 11.35 56.92
C VAL A 20 -27.40 11.27 55.63
N TRP A 21 -28.16 12.33 55.32
CA TRP A 21 -29.01 12.35 54.14
C TRP A 21 -28.30 12.81 52.88
N GLN A 22 -27.07 13.31 53.00
CA GLN A 22 -26.31 13.77 51.85
C GLN A 22 -25.31 12.74 51.34
N VAL A 23 -25.27 11.55 51.93
CA VAL A 23 -24.30 10.55 51.51
C VAL A 23 -24.59 10.09 50.08
N VAL A 24 -25.87 9.92 49.74
CA VAL A 24 -26.22 9.53 48.38
C VAL A 24 -25.88 10.65 47.40
N PHE A 25 -26.04 11.90 47.82
CA PHE A 25 -25.74 13.03 46.94
C PHE A 25 -24.25 13.12 46.65
N ILE A 26 -23.41 12.93 47.68
CA ILE A 26 -21.96 13.04 47.48
C ILE A 26 -21.47 11.93 46.55
N ALA A 27 -21.90 10.70 46.81
CA ALA A 27 -21.48 9.58 45.96
C ALA A 27 -21.99 9.76 44.53
N PHE A 28 -23.23 10.23 44.38
CA PHE A 28 -23.76 10.48 43.05
C PHE A 28 -23.00 11.59 42.34
N LEU A 29 -22.61 12.63 43.07
CA LEU A 29 -21.87 13.74 42.46
C LEU A 29 -20.53 13.26 41.88
N THR A 30 -19.79 12.46 42.64
CA THR A 30 -18.57 11.87 42.11
C THR A 30 -18.84 10.67 41.23
N GLY A 31 -19.98 10.01 41.42
CA GLY A 31 -20.31 8.85 40.60
C GLY A 31 -20.55 9.20 39.14
N ILE A 32 -21.27 10.29 38.89
CA ILE A 32 -21.53 10.69 37.50
C ILE A 32 -20.24 11.15 36.83
N LEU A 33 -19.38 11.85 37.56
CA LEU A 33 -18.10 12.27 37.00
C LEU A 33 -17.18 11.07 36.78
N ALA A 34 -17.24 10.08 37.66
CA ALA A 34 -16.40 8.89 37.51
C ALA A 34 -16.78 8.11 36.25
N LEU A 35 -18.08 7.97 35.99
CA LEU A 35 -18.48 7.25 34.78
C LEU A 35 -18.21 8.06 33.53
N VAL A 36 -18.26 9.40 33.63
CA VAL A 36 -17.94 10.25 32.49
C VAL A 36 -16.48 10.06 32.09
N THR A 37 -15.58 9.99 33.07
CA THR A 37 -14.16 9.85 32.77
C THR A 37 -13.88 8.53 32.07
N ILE A 38 -14.48 7.43 32.55
CA ILE A 38 -14.17 6.12 31.98
C ILE A 38 -14.75 5.98 30.59
N ILE A 39 -15.98 6.48 30.37
CA ILE A 39 -16.58 6.34 29.05
C ILE A 39 -15.86 7.21 28.03
N GLY A 40 -15.41 8.40 28.45
CA GLY A 40 -14.68 9.26 27.53
C GLY A 40 -13.36 8.66 27.08
N ASN A 41 -12.66 8.01 28.01
CA ASN A 41 -11.36 7.43 27.67
C ASN A 41 -11.50 6.19 26.81
N ILE A 42 -12.46 5.32 27.14
CA ILE A 42 -12.61 4.09 26.38
C ILE A 42 -13.04 4.37 24.95
N LEU A 43 -13.75 5.48 24.72
CA LEU A 43 -14.04 5.88 23.35
C LEU A 43 -12.76 6.22 22.59
N VAL A 44 -11.83 6.90 23.26
CA VAL A 44 -10.58 7.28 22.60
C VAL A 44 -9.73 6.06 22.28
N ILE A 45 -9.72 5.07 23.17
CA ILE A 45 -8.90 3.89 22.94
C ILE A 45 -9.51 3.00 21.86
N VAL A 46 -10.82 3.05 21.66
CA VAL A 46 -11.42 2.26 20.59
C VAL A 46 -11.55 3.06 19.29
N SER A 47 -11.65 4.38 19.38
CA SER A 47 -11.69 5.20 18.16
C SER A 47 -10.38 5.07 17.39
N PHE A 48 -9.26 5.02 18.11
CA PHE A 48 -7.97 4.79 17.46
C PHE A 48 -7.93 3.43 16.76
N LYS A 49 -8.69 2.46 17.26
CA LYS A 49 -8.65 1.11 16.70
C LYS A 49 -9.67 0.93 15.58
N VAL A 50 -10.92 1.33 15.80
CA VAL A 50 -11.97 1.09 14.80
C VAL A 50 -11.83 2.03 13.60
N ASN A 51 -11.11 3.13 13.74
CA ASN A 51 -10.92 4.08 12.65
C ASN A 51 -9.50 3.94 12.12
N LYS A 52 -9.37 3.71 10.81
CA LYS A 52 -8.05 3.54 10.21
C LYS A 52 -7.32 4.87 10.09
N GLN A 53 -8.05 5.97 9.93
CA GLN A 53 -7.43 7.28 9.77
C GLN A 53 -6.75 7.79 11.03
N LEU A 54 -7.02 7.20 12.18
CA LEU A 54 -6.44 7.63 13.44
C LEU A 54 -5.16 6.91 13.80
N LYS A 55 -4.71 5.96 12.97
CA LYS A 55 -3.50 5.22 13.27
C LYS A 55 -2.26 5.97 12.80
N THR A 56 -2.11 7.22 13.25
CA THR A 56 -1.00 8.06 12.85
C THR A 56 0.16 7.89 13.84
N VAL A 57 1.15 8.77 13.73
CA VAL A 57 2.29 8.73 14.65
C VAL A 57 2.06 9.62 15.85
N ASN A 58 1.50 10.82 15.65
CA ASN A 58 1.19 11.72 16.74
C ASN A 58 0.02 11.24 17.59
N ASN A 59 -0.79 10.32 17.08
CA ASN A 59 -1.91 9.77 17.85
C ASN A 59 -1.46 8.74 18.87
N TYR A 60 -0.21 8.25 18.78
CA TYR A 60 0.30 7.37 19.81
C TYR A 60 0.37 8.07 21.16
N PHE A 61 0.67 9.37 21.14
CA PHE A 61 0.75 10.14 22.38
C PHE A 61 -0.62 10.29 23.02
N LEU A 62 -1.67 10.42 22.21
CA LEU A 62 -3.01 10.59 22.76
C LEU A 62 -3.52 9.31 23.41
N LEU A 63 -3.29 8.16 22.78
CA LEU A 63 -3.73 6.90 23.36
C LEU A 63 -2.98 6.59 24.64
N SER A 64 -1.70 6.96 24.71
CA SER A 64 -0.94 6.81 25.94
C SER A 64 -1.52 7.66 27.05
N LEU A 65 -1.90 8.90 26.73
CA LEU A 65 -2.53 9.76 27.72
C LEU A 65 -3.88 9.20 28.15
N ALA A 66 -4.63 8.62 27.21
CA ALA A 66 -5.92 8.02 27.55
C ALA A 66 -5.73 6.79 28.44
N CYS A 67 -4.64 6.06 28.24
CA CYS A 67 -4.37 4.88 29.06
C CYS A 67 -4.17 5.27 30.52
N ALA A 68 -3.39 6.32 30.77
CA ALA A 68 -3.23 6.82 32.13
C ALA A 68 -4.52 7.41 32.64
N ASP A 69 -5.36 7.93 31.74
CA ASP A 69 -6.61 8.55 32.14
C ASP A 69 -7.60 7.50 32.66
N LEU A 70 -7.72 6.36 31.97
CA LEU A 70 -8.67 5.35 32.41
C LEU A 70 -8.20 4.63 33.67
N ILE A 71 -6.89 4.52 33.86
CA ILE A 71 -6.36 3.95 35.11
C ILE A 71 -6.80 4.79 36.29
N ILE A 72 -6.79 6.11 36.13
CA ILE A 72 -7.30 7.00 37.16
C ILE A 72 -8.78 6.73 37.40
N GLY A 73 -9.54 6.57 36.31
CA GLY A 73 -10.99 6.49 36.38
C GLY A 73 -11.56 5.20 36.91
N VAL A 74 -10.74 4.17 37.10
CA VAL A 74 -11.23 2.89 37.60
C VAL A 74 -10.64 2.49 38.94
N ILE A 75 -9.50 3.04 39.33
CA ILE A 75 -8.80 2.64 40.54
C ILE A 75 -8.63 3.82 41.51
N SER A 76 -8.10 4.94 41.02
CA SER A 76 -7.82 6.06 41.91
C SER A 76 -9.03 6.93 42.20
N MET A 77 -10.13 6.77 41.47
CA MET A 77 -11.30 7.59 41.69
C MET A 77 -12.37 6.90 42.53
N ASN A 78 -12.74 5.66 42.19
CA ASN A 78 -13.75 4.95 42.96
C ASN A 78 -13.29 4.67 44.38
N LEU A 79 -12.00 4.36 44.57
CA LEU A 79 -11.48 4.14 45.92
C LEU A 79 -11.57 5.42 46.76
N PHE A 80 -11.39 6.58 46.12
CA PHE A 80 -11.57 7.84 46.85
C PHE A 80 -13.01 8.05 47.24
N THR A 81 -13.96 7.56 46.44
CA THR A 81 -15.37 7.67 46.81
C THR A 81 -15.66 6.91 48.10
N THR A 82 -15.03 5.75 48.27
CA THR A 82 -15.20 5.02 49.53
C THR A 82 -14.61 5.80 50.69
N TYR A 83 -13.48 6.47 50.48
CA TYR A 83 -12.81 7.15 51.57
C TYR A 83 -13.61 8.35 52.07
N ILE A 84 -14.57 8.83 51.30
CA ILE A 84 -15.38 9.97 51.73
C ILE A 84 -16.75 9.53 52.23
N ILE A 85 -17.42 8.59 51.54
CA ILE A 85 -18.68 8.08 52.06
C ILE A 85 -18.44 7.25 53.32
N MET A 86 -17.35 6.50 53.34
CA MET A 86 -16.91 5.79 54.54
C MET A 86 -15.77 6.58 55.15
N ASN A 87 -15.95 7.01 56.41
CA ASN A 87 -15.07 8.03 56.98
C ASN A 87 -13.63 7.56 57.06
N ARG A 88 -13.40 6.30 57.45
CA ARG A 88 -12.06 5.79 57.59
C ARG A 88 -11.75 4.77 56.49
N TRP A 89 -10.46 4.57 56.27
CA TRP A 89 -9.98 3.74 55.16
C TRP A 89 -10.00 2.28 55.58
N ALA A 90 -11.01 1.54 55.12
CA ALA A 90 -11.17 0.12 55.44
C ALA A 90 -10.32 -0.70 54.47
N LEU A 91 -9.02 -0.74 54.75
CA LEU A 91 -8.08 -1.48 53.92
C LEU A 91 -6.83 -1.77 54.72
N GLY A 92 -6.03 -2.70 54.21
CA GLY A 92 -4.85 -3.14 54.90
C GLY A 92 -3.70 -2.15 54.79
N ASN A 93 -2.54 -2.58 55.29
CA ASN A 93 -1.35 -1.76 55.16
C ASN A 93 -0.93 -1.62 53.71
N LEU A 94 -0.85 -2.75 52.99
CA LEU A 94 -0.48 -2.71 51.58
C LEU A 94 -1.61 -2.20 50.70
N ALA A 95 -2.86 -2.39 51.11
CA ALA A 95 -3.98 -1.92 50.31
C ALA A 95 -4.01 -0.40 50.21
N CYS A 96 -3.38 0.28 51.17
CA CYS A 96 -3.14 1.72 51.05
C CYS A 96 -1.82 2.03 50.35
N ASP A 97 -0.99 1.02 50.11
CA ASP A 97 0.30 1.27 49.48
C ASP A 97 0.21 1.28 47.96
N LEU A 98 -0.51 0.33 47.36
CA LEU A 98 -0.57 0.26 45.92
C LEU A 98 -1.50 1.33 45.33
N TRP A 99 -2.58 1.69 46.04
CA TRP A 99 -3.46 2.73 45.52
C TRP A 99 -2.73 4.06 45.42
N LEU A 100 -1.98 4.42 46.46
CA LEU A 100 -1.23 5.67 46.40
C LEU A 100 -0.14 5.62 45.34
N ALA A 101 0.47 4.45 45.14
CA ALA A 101 1.49 4.30 44.11
C ALA A 101 0.87 4.43 42.71
N ILE A 102 -0.22 3.70 42.46
CA ILE A 102 -0.83 3.72 41.14
C ILE A 102 -1.43 5.08 40.84
N ASP A 103 -1.95 5.77 41.85
CA ASP A 103 -2.45 7.12 41.67
C ASP A 103 -1.32 8.08 41.29
N CYS A 104 -0.21 8.00 42.03
CA CYS A 104 0.90 8.91 41.77
C CYS A 104 1.61 8.58 40.48
N VAL A 105 1.67 7.30 40.12
CA VAL A 105 2.28 6.91 38.86
C VAL A 105 1.42 7.37 37.67
N ALA A 106 0.12 7.12 37.75
CA ALA A 106 -0.77 7.49 36.65
C ALA A 106 -0.82 9.01 36.45
N SER A 107 -0.90 9.76 37.54
CA SER A 107 -0.96 11.22 37.43
C SER A 107 0.32 11.77 36.84
N ASN A 108 1.45 11.20 37.26
CA ASN A 108 2.76 11.62 36.69
C ASN A 108 2.78 11.22 35.21
N ALA A 109 2.28 10.03 34.89
CA ALA A 109 2.28 9.56 33.51
C ALA A 109 1.44 10.48 32.62
N SER A 110 0.36 11.04 33.17
CA SER A 110 -0.44 11.99 32.40
C SER A 110 0.36 13.23 32.07
N VAL A 111 1.14 13.74 33.02
CA VAL A 111 1.87 14.97 32.79
C VAL A 111 2.98 14.76 31.77
N MET A 112 3.67 13.63 31.84
CA MET A 112 4.71 13.34 30.86
C MET A 112 4.13 13.20 29.46
N ASN A 113 2.98 12.52 29.33
CA ASN A 113 2.34 12.41 28.02
C ASN A 113 1.89 13.77 27.51
N LEU A 114 1.39 14.62 28.40
CA LEU A 114 1.07 15.99 27.99
C LEU A 114 2.34 16.76 27.65
N LEU A 115 3.45 16.45 28.32
CA LEU A 115 4.71 17.14 28.00
C LEU A 115 5.25 16.70 26.64
N VAL A 116 5.28 15.39 26.38
CA VAL A 116 5.81 14.92 25.11
C VAL A 116 4.91 15.34 23.94
N ILE A 117 3.62 15.57 24.22
CA ILE A 117 2.74 16.13 23.20
C ILE A 117 3.14 17.56 22.87
N SER A 118 3.50 18.34 23.88
CA SER A 118 3.97 19.71 23.64
C SER A 118 5.23 19.72 22.81
N PHE A 119 6.16 18.81 23.11
CA PHE A 119 7.39 18.72 22.31
C PHE A 119 7.10 18.26 20.89
N ASP A 120 6.25 17.24 20.73
CA ASP A 120 5.95 16.74 19.40
C ASP A 120 5.25 17.79 18.55
N ARG A 121 4.28 18.50 19.12
CA ARG A 121 3.64 19.60 18.41
C ARG A 121 4.63 20.71 18.10
N TYR A 122 5.53 20.99 19.05
CA TYR A 122 6.45 22.11 18.88
C TYR A 122 7.33 21.93 17.66
N PHE A 123 7.91 20.75 17.49
CA PHE A 123 8.83 20.53 16.39
C PHE A 123 8.10 20.36 15.06
N SER A 124 6.88 19.85 15.07
CA SER A 124 6.11 19.77 13.84
C SER A 124 5.84 21.16 13.26
N ILE A 125 5.51 22.12 14.13
CA ILE A 125 5.28 23.48 13.68
C ILE A 125 6.60 24.14 13.27
N THR A 126 7.66 23.92 14.05
CA THR A 126 8.91 24.63 13.83
C THR A 126 9.85 23.92 12.86
N ARG A 127 9.75 22.60 12.76
CA ARG A 127 10.53 21.81 11.80
C ARG A 127 9.54 21.01 10.99
N PRO A 128 8.82 21.65 10.07
CA PRO A 128 7.69 20.98 9.41
C PRO A 128 8.11 19.85 8.50
N LEU A 129 9.28 19.98 7.86
CA LEU A 129 9.72 19.03 6.85
C LEU A 129 10.74 18.02 7.36
N THR A 130 11.26 18.20 8.57
CA THR A 130 12.37 17.41 9.06
C THR A 130 12.00 16.54 10.26
N TYR A 131 11.38 17.12 11.29
CA TYR A 131 11.16 16.39 12.53
C TYR A 131 10.25 15.20 12.33
N ARG A 132 9.09 15.41 11.71
CA ARG A 132 8.18 14.30 11.48
C ARG A 132 8.76 13.29 10.51
N ALA A 133 9.66 13.74 9.62
CA ALA A 133 10.34 12.81 8.73
C ALA A 133 11.22 11.84 9.51
N LYS A 134 11.96 12.35 10.49
CA LYS A 134 12.80 11.50 11.35
C LYS A 134 12.04 11.10 12.63
N ARG A 135 10.85 10.54 12.46
CA ARG A 135 10.04 10.12 13.61
C ARG A 135 9.23 8.90 13.16
N THR A 136 9.76 7.71 13.42
CA THR A 136 9.09 6.47 13.06
C THR A 136 8.51 5.82 14.32
N THR A 137 7.68 4.79 14.09
CA THR A 137 7.01 4.13 15.21
C THR A 137 8.02 3.51 16.17
N LYS A 138 9.19 3.12 15.67
CA LYS A 138 10.23 2.59 16.54
C LYS A 138 10.69 3.64 17.54
N ARG A 139 10.89 4.88 17.09
CA ARG A 139 11.30 5.97 17.96
C ARG A 139 10.14 6.87 18.34
N ALA A 140 8.91 6.52 17.98
CA ALA A 140 7.73 7.23 18.47
C ALA A 140 7.23 6.67 19.79
N GLY A 141 7.71 5.49 20.18
CA GLY A 141 7.30 4.90 21.44
C GLY A 141 8.39 4.96 22.49
N VAL A 142 9.57 5.45 22.12
CA VAL A 142 10.66 5.54 23.09
C VAL A 142 10.37 6.60 24.13
N MET A 143 9.94 7.79 23.70
CA MET A 143 9.60 8.81 24.69
C MET A 143 8.28 8.48 25.38
N ILE A 144 7.48 7.59 24.80
CA ILE A 144 6.35 7.01 25.52
C ILE A 144 6.85 6.18 26.70
N GLY A 145 7.89 5.37 26.46
CA GLY A 145 8.44 4.56 27.53
C GLY A 145 9.06 5.40 28.63
N LEU A 146 9.88 6.39 28.25
CA LEU A 146 10.45 7.28 29.26
C LEU A 146 9.37 8.09 29.96
N ALA A 147 8.25 8.34 29.30
CA ALA A 147 7.12 8.98 29.96
C ALA A 147 6.58 8.11 31.08
N TRP A 148 6.49 6.80 30.85
CA TRP A 148 5.93 5.90 31.85
C TRP A 148 6.99 5.42 32.83
N VAL A 149 8.21 5.18 32.36
CA VAL A 149 9.26 4.66 33.24
C VAL A 149 9.61 5.68 34.31
N ILE A 150 9.71 6.96 33.94
CA ILE A 150 10.00 8.00 34.92
C ILE A 150 8.89 8.07 35.97
N SER A 151 7.65 7.86 35.54
CA SER A 151 6.53 7.84 36.49
C SER A 151 6.68 6.70 37.49
N PHE A 152 7.09 5.52 37.02
CA PHE A 152 7.29 4.38 37.91
C PHE A 152 8.36 4.68 38.95
N VAL A 153 9.59 4.92 38.50
CA VAL A 153 10.74 4.94 39.40
C VAL A 153 10.65 6.09 40.40
N LEU A 154 10.18 7.26 39.94
CA LEU A 154 10.16 8.42 40.82
C LEU A 154 9.19 8.24 41.98
N TRP A 155 8.09 7.53 41.77
CA TRP A 155 7.02 7.47 42.75
C TRP A 155 6.87 6.08 43.37
N ALA A 156 6.73 5.04 42.55
CA ALA A 156 6.37 3.72 43.09
C ALA A 156 7.38 3.17 44.09
N PRO A 157 8.68 3.12 43.81
CA PRO A 157 9.61 2.68 44.87
C PRO A 157 9.63 3.58 46.07
N ALA A 158 9.44 4.88 45.89
CA ALA A 158 9.53 5.83 46.98
C ALA A 158 8.33 5.79 47.91
N ILE A 159 7.25 5.11 47.53
CA ILE A 159 6.02 5.09 48.32
C ILE A 159 5.65 3.68 48.77
N LEU A 160 5.84 2.69 47.91
CA LEU A 160 5.48 1.32 48.28
C LEU A 160 6.39 0.78 49.38
N PHE A 161 7.68 1.09 49.31
CA PHE A 161 8.68 0.57 50.24
C PHE A 161 9.32 1.69 51.05
N TRP A 162 8.51 2.63 51.55
CA TRP A 162 9.03 3.67 52.41
C TRP A 162 9.07 3.27 53.87
N GLN A 163 8.08 2.51 54.34
CA GLN A 163 8.09 2.07 55.73
C GLN A 163 9.25 1.14 56.02
N TYR A 164 9.66 0.33 55.03
CA TYR A 164 10.79 -0.57 55.22
C TYR A 164 12.06 0.22 55.47
N PHE A 165 12.27 1.30 54.73
CA PHE A 165 13.48 2.09 54.87
C PHE A 165 13.54 2.77 56.23
N VAL A 166 12.42 3.29 56.72
CA VAL A 166 12.35 4.01 57.99
C VAL A 166 11.28 3.36 58.84
N GLY A 167 11.71 2.54 59.81
CA GLY A 167 10.81 1.99 60.81
C GLY A 167 9.63 1.21 60.28
N LYS A 168 8.43 1.75 60.47
CA LYS A 168 7.21 1.09 60.06
C LYS A 168 6.19 2.18 59.71
N ARG A 169 4.91 1.80 59.64
CA ARG A 169 3.85 2.75 59.32
C ARG A 169 3.77 3.87 60.34
N THR A 170 4.16 5.08 59.94
CA THR A 170 3.96 6.26 60.77
C THR A 170 2.55 6.81 60.68
N VAL A 171 1.74 6.28 59.77
CA VAL A 171 0.36 6.72 59.58
C VAL A 171 -0.51 6.11 60.66
N PRO A 172 -1.61 6.76 61.06
CA PRO A 172 -2.57 6.10 61.91
C PRO A 172 -3.20 4.93 61.19
N PRO A 173 -3.62 3.90 61.92
CA PRO A 173 -4.18 2.71 61.27
C PRO A 173 -5.45 2.99 60.47
N GLY A 174 -6.16 4.07 60.75
CA GLY A 174 -7.38 4.37 60.05
C GLY A 174 -7.26 5.51 59.06
N GLU A 175 -6.10 5.63 58.40
CA GLU A 175 -5.87 6.67 57.42
C GLU A 175 -5.07 6.09 56.27
N CYS A 176 -4.91 6.90 55.21
CA CYS A 176 -4.28 6.41 53.99
C CYS A 176 -3.35 7.42 53.34
N PHE A 177 -2.89 8.43 54.09
CA PHE A 177 -2.05 9.46 53.48
C PHE A 177 -0.64 8.93 53.22
N ILE A 178 0.08 9.65 52.36
CA ILE A 178 1.45 9.27 52.01
C ILE A 178 2.38 9.61 53.17
N GLN A 179 3.31 8.70 53.47
CA GLN A 179 4.12 8.86 54.67
C GLN A 179 5.03 10.07 54.59
N PHE A 180 5.64 10.33 53.44
CA PHE A 180 6.68 11.35 53.36
C PHE A 180 6.12 12.72 52.97
N LEU A 181 4.87 13.00 53.35
CA LEU A 181 4.36 14.36 53.31
C LEU A 181 4.97 15.25 54.37
N SER A 182 5.54 14.57 55.38
CA SER A 182 6.17 15.30 56.51
C SER A 182 7.63 15.59 56.19
N GLU A 183 8.35 14.65 55.55
CA GLU A 183 9.74 14.89 55.11
C GLU A 183 9.69 16.12 54.21
N PRO A 184 10.04 17.34 54.65
CA PRO A 184 9.81 18.55 53.87
C PRO A 184 10.96 18.96 52.97
N THR A 185 11.54 17.99 52.29
CA THR A 185 12.61 18.30 51.32
C THR A 185 12.33 17.41 50.12
N ILE A 186 11.83 16.20 50.36
CA ILE A 186 11.46 15.32 49.26
C ILE A 186 10.14 15.79 48.66
N THR A 187 9.24 16.33 49.49
CA THR A 187 7.94 16.76 49.00
C THR A 187 8.06 17.95 48.06
N PHE A 188 8.97 18.87 48.34
CA PHE A 188 9.15 19.94 47.33
C PHE A 188 9.94 19.35 46.15
N GLY A 189 10.91 18.47 46.40
CA GLY A 189 11.63 17.89 45.28
C GLY A 189 10.74 17.09 44.34
N THR A 190 9.83 16.28 44.92
CA THR A 190 8.97 15.48 44.07
C THR A 190 7.84 16.30 43.47
N ALA A 191 7.49 17.44 44.08
CA ALA A 191 6.53 18.34 43.44
C ALA A 191 7.20 19.13 42.32
N ILE A 192 8.43 19.58 42.54
CA ILE A 192 9.17 20.29 41.50
C ILE A 192 9.40 19.38 40.30
N ALA A 193 9.77 18.12 40.57
CA ALA A 193 10.02 17.16 39.50
C ALA A 193 8.75 16.47 39.02
N GLY A 194 7.59 16.80 39.59
CA GLY A 194 6.36 16.17 39.14
C GLY A 194 5.39 17.10 38.44
N PHE A 195 5.31 18.35 38.88
CA PHE A 195 4.37 19.31 38.32
C PHE A 195 5.04 20.58 37.82
N TYR A 196 5.89 21.20 38.63
CA TYR A 196 6.33 22.57 38.36
C TYR A 196 7.24 22.62 37.13
N MET A 197 8.20 21.70 37.03
CA MET A 197 9.07 21.69 35.86
C MET A 197 8.31 21.40 34.57
N PRO A 198 7.45 20.39 34.48
CA PRO A 198 6.72 20.18 33.22
C PRO A 198 5.83 21.35 32.83
N VAL A 199 5.26 22.06 33.79
CA VAL A 199 4.41 23.21 33.47
C VAL A 199 5.23 24.31 32.82
N THR A 200 6.45 24.56 33.33
CA THR A 200 7.29 25.59 32.74
C THR A 200 7.64 25.25 31.29
N ILE A 201 7.92 23.98 31.01
CA ILE A 201 8.21 23.57 29.65
C ILE A 201 6.95 23.66 28.78
N MET A 202 5.79 23.35 29.36
CA MET A 202 4.54 23.36 28.61
C MET A 202 4.22 24.75 28.09
N THR A 203 4.21 25.75 28.98
CA THR A 203 3.78 27.09 28.60
C THR A 203 4.78 27.76 27.67
N ILE A 204 6.07 27.49 27.88
CA ILE A 204 7.10 28.06 27.02
C ILE A 204 6.93 27.54 25.60
N LEU A 205 6.70 26.23 25.45
CA LEU A 205 6.52 25.66 24.13
C LEU A 205 5.23 26.14 23.49
N TYR A 206 4.11 26.10 24.23
CA TYR A 206 2.84 26.58 23.71
C TYR A 206 2.79 28.09 23.50
N TRP A 207 3.66 28.86 24.17
CA TRP A 207 3.78 30.26 23.80
C TRP A 207 4.59 30.43 22.52
N ARG A 208 5.62 29.62 22.34
CA ARG A 208 6.43 29.71 21.13
C ARG A 208 5.66 29.22 19.91
N ILE A 209 4.84 28.18 20.07
CA ILE A 209 4.01 27.71 18.96
C ILE A 209 3.10 28.83 18.47
N TYR A 210 2.56 29.63 19.39
CA TYR A 210 1.73 30.76 19.02
C TYR A 210 2.50 31.80 18.22
N LYS A 211 3.82 31.84 18.37
CA LYS A 211 4.63 32.83 17.65
C LYS A 211 4.62 32.54 16.15
N GLU A 212 4.90 31.30 15.75
CA GLU A 212 4.86 30.98 14.33
C GLU A 212 3.42 30.96 13.81
N THR A 213 2.45 30.72 14.68
CA THR A 213 1.06 30.75 14.24
C THR A 213 0.66 32.15 13.79
N GLU A 214 1.12 33.17 14.51
CA GLU A 214 0.91 34.55 14.06
C GLU A 214 1.78 34.87 12.85
N LYS A 215 3.01 34.35 12.83
CA LYS A 215 3.94 34.68 11.76
C LYS A 215 3.47 34.13 10.41
N ARG A 216 2.94 32.91 10.39
CA ARG A 216 2.49 32.34 9.12
C ARG A 216 1.30 33.10 8.56
N THR A 217 0.42 33.60 9.43
CA THR A 217 -0.71 34.42 8.97
C THR A 217 -0.21 35.73 8.36
N LYS A 218 0.81 36.33 8.96
CA LYS A 218 1.33 37.60 8.47
C LYS A 218 2.06 37.42 7.14
N GLU A 219 3.12 36.63 7.14
CA GLU A 219 3.92 36.46 5.93
C GLU A 219 3.18 35.66 4.87
N LEU A 220 2.83 34.41 5.18
CA LEU A 220 2.11 33.53 4.27
C LEU A 220 2.84 33.40 2.92
N GLU A 261 -5.05 33.00 14.47
CA GLU A 261 -5.12 34.10 15.42
C GLU A 261 -6.25 33.88 16.42
N LYS A 262 -7.43 33.55 15.91
CA LYS A 262 -8.60 33.38 16.76
C LYS A 262 -8.68 31.96 17.31
N LYS A 263 -8.72 30.96 16.43
CA LYS A 263 -8.85 29.58 16.89
C LYS A 263 -7.60 29.08 17.59
N ALA A 264 -6.45 29.76 17.42
CA ALA A 264 -5.25 29.36 18.12
C ALA A 264 -5.39 29.56 19.62
N ALA A 265 -5.93 30.72 20.03
CA ALA A 265 -6.09 30.99 21.45
C ALA A 265 -7.24 30.16 22.03
N GLN A 266 -8.30 29.94 21.26
CA GLN A 266 -9.43 29.17 21.76
C GLN A 266 -9.03 27.75 22.11
N THR A 267 -8.00 27.21 21.47
CA THR A 267 -7.50 25.88 21.79
C THR A 267 -6.34 25.93 22.76
N LEU A 268 -5.51 26.97 22.69
CA LEU A 268 -4.34 27.06 23.54
C LEU A 268 -4.74 27.20 25.01
N SER A 269 -5.74 28.05 25.29
CA SER A 269 -6.18 28.20 26.66
C SER A 269 -6.94 26.98 27.14
N ALA A 270 -7.71 26.35 26.25
CA ALA A 270 -8.50 25.19 26.65
C ALA A 270 -7.63 24.01 27.05
N ILE A 271 -6.34 24.04 26.69
CA ILE A 271 -5.44 22.95 27.02
C ILE A 271 -4.43 23.31 28.10
N LEU A 272 -4.16 24.59 28.32
CA LEU A 272 -3.29 25.01 29.41
C LEU A 272 -4.09 25.32 30.68
N LEU A 273 -5.24 25.99 30.54
CA LEU A 273 -6.05 26.30 31.70
C LEU A 273 -6.70 25.05 32.29
N ALA A 274 -7.08 24.10 31.43
CA ALA A 274 -7.66 22.86 31.90
C ALA A 274 -6.66 21.95 32.60
N PHE A 275 -5.46 22.45 32.87
CA PHE A 275 -4.42 21.74 33.60
C PHE A 275 -3.90 22.55 34.78
N ILE A 276 -3.81 23.88 34.62
CA ILE A 276 -3.30 24.71 35.71
C ILE A 276 -4.31 24.76 36.86
N ILE A 277 -5.59 25.02 36.55
CA ILE A 277 -6.57 25.26 37.60
C ILE A 277 -6.99 23.96 38.29
N THR A 278 -6.86 22.82 37.62
CA THR A 278 -7.27 21.54 38.19
C THR A 278 -6.14 20.82 38.92
N TRP A 279 -4.94 21.36 38.91
CA TRP A 279 -3.78 20.71 39.51
C TRP A 279 -2.98 21.61 40.44
N THR A 280 -2.95 22.91 40.19
CA THR A 280 -2.19 23.81 41.06
C THR A 280 -2.68 23.81 42.50
N PRO A 281 -3.99 23.89 42.79
CA PRO A 281 -4.40 23.95 44.20
C PRO A 281 -3.91 22.77 45.04
N TYR A 282 -3.91 21.56 44.48
CA TYR A 282 -3.42 20.43 45.26
C TYR A 282 -1.94 20.54 45.56
N ASN A 283 -1.14 20.90 44.56
CA ASN A 283 0.29 21.02 44.77
C ASN A 283 0.61 22.20 45.69
N ILE A 284 -0.25 23.21 45.69
CA ILE A 284 -0.08 24.32 46.62
C ILE A 284 -0.32 23.87 48.06
N MET A 285 -1.37 23.10 48.29
CA MET A 285 -1.69 22.65 49.63
C MET A 285 -0.62 21.71 50.17
N VAL A 286 -0.03 20.89 49.31
CA VAL A 286 1.03 20.00 49.75
C VAL A 286 2.25 20.78 50.20
N LEU A 287 2.53 21.90 49.54
CA LEU A 287 3.66 22.75 49.93
C LEU A 287 3.43 23.36 51.32
N VAL A 288 2.20 23.79 51.60
CA VAL A 288 1.94 24.40 52.90
C VAL A 288 1.65 23.32 53.95
N ASN A 289 1.19 22.14 53.52
CA ASN A 289 0.94 21.05 54.47
C ASN A 289 2.22 20.49 55.05
N THR A 290 3.30 20.49 54.27
CA THR A 290 4.55 19.90 54.74
C THR A 290 5.21 20.74 55.82
N PHE A 291 4.83 22.02 55.93
CA PHE A 291 5.34 22.88 56.99
C PHE A 291 4.43 22.89 58.21
N CYS A 292 3.12 22.82 57.99
CA CYS A 292 2.14 22.77 59.08
C CYS A 292 1.21 21.59 58.83
N ASP A 293 1.20 20.63 59.76
CA ASP A 293 0.39 19.43 59.56
C ASP A 293 -1.09 19.74 59.51
N SER A 294 -1.54 20.65 60.38
CA SER A 294 -2.96 21.02 60.47
C SER A 294 -3.09 22.53 60.38
N CYS A 295 -3.19 23.03 59.15
CA CYS A 295 -3.44 24.44 58.92
C CYS A 295 -4.51 24.72 57.87
N ILE A 296 -4.94 23.71 57.12
CA ILE A 296 -6.00 23.89 56.13
C ILE A 296 -7.07 22.83 56.35
N PRO A 297 -8.34 23.13 56.09
CA PRO A 297 -9.41 22.18 56.38
C PRO A 297 -9.25 20.88 55.60
N LYS A 298 -9.58 19.77 56.27
CA LYS A 298 -9.47 18.47 55.62
C LYS A 298 -10.51 18.31 54.52
N THR A 299 -11.71 18.89 54.70
CA THR A 299 -12.70 18.87 53.63
C THR A 299 -12.26 19.72 52.45
N PHE A 300 -11.60 20.86 52.72
CA PHE A 300 -11.04 21.66 51.63
C PHE A 300 -9.76 21.04 51.09
N TRP A 301 -9.06 20.26 51.91
CA TRP A 301 -7.97 19.43 51.40
C TRP A 301 -8.50 18.36 50.45
N ASN A 302 -9.65 17.77 50.79
CA ASN A 302 -10.20 16.69 49.98
C ASN A 302 -10.76 17.19 48.66
N LEU A 303 -11.39 18.36 48.66
CA LEU A 303 -11.95 18.90 47.42
C LEU A 303 -10.86 19.17 46.39
N GLY A 304 -9.75 19.79 46.84
CA GLY A 304 -8.62 19.97 45.94
C GLY A 304 -7.99 18.65 45.55
N TYR A 305 -8.01 17.67 46.45
CA TYR A 305 -7.55 16.34 46.10
C TYR A 305 -8.39 15.74 44.99
N TRP A 306 -9.71 15.88 45.09
CA TRP A 306 -10.60 15.33 44.06
C TRP A 306 -10.52 16.15 42.78
N LEU A 307 -10.26 17.44 42.90
CA LEU A 307 -10.15 18.30 41.73
C LEU A 307 -9.00 17.90 40.82
N CYS A 308 -7.99 17.20 41.36
CA CYS A 308 -6.83 16.82 40.56
C CYS A 308 -7.15 15.68 39.60
N TYR A 309 -8.22 14.93 39.85
CA TYR A 309 -8.65 13.88 38.94
C TYR A 309 -9.43 14.39 37.74
N ILE A 310 -9.93 15.63 37.79
CA ILE A 310 -10.82 16.11 36.75
C ILE A 310 -10.09 16.36 35.44
N ASN A 311 -8.76 16.45 35.46
CA ASN A 311 -8.01 16.58 34.21
C ASN A 311 -8.19 15.34 33.36
N SER A 312 -8.27 14.16 33.98
CA SER A 312 -8.54 12.94 33.24
C SER A 312 -9.94 12.96 32.63
N THR A 313 -10.87 13.68 33.26
CA THR A 313 -12.22 13.79 32.70
C THR A 313 -12.24 14.64 31.44
N VAL A 314 -11.58 15.80 31.48
CA VAL A 314 -11.66 16.74 30.37
C VAL A 314 -10.66 16.47 29.26
N ASN A 315 -9.71 15.56 29.47
CA ASN A 315 -8.69 15.30 28.45
C ASN A 315 -9.28 14.84 27.12
N PRO A 316 -10.26 13.93 27.06
CA PRO A 316 -10.85 13.58 25.76
C PRO A 316 -11.46 14.77 25.03
N VAL A 317 -12.04 15.73 25.75
CA VAL A 317 -12.64 16.89 25.12
C VAL A 317 -11.63 18.02 25.13
N CYS A 318 -10.36 17.68 25.28
CA CYS A 318 -9.26 18.64 25.30
C CYS A 318 -8.20 18.36 24.26
N TYR A 319 -7.93 17.10 23.94
CA TYR A 319 -6.89 16.74 22.98
C TYR A 319 -7.44 15.79 21.92
N ALA A 320 -8.47 15.02 22.26
CA ALA A 320 -9.06 14.07 21.33
C ALA A 320 -10.19 14.71 20.54
N LEU A 321 -11.23 15.19 21.23
CA LEU A 321 -12.37 15.81 20.55
C LEU A 321 -12.03 17.15 19.91
N CYS A 322 -10.80 17.62 20.02
CA CYS A 322 -10.40 18.78 19.23
C CYS A 322 -10.23 18.41 17.76
N ASN A 323 -9.61 17.26 17.50
CA ASN A 323 -9.31 16.85 16.13
C ASN A 323 -10.58 16.60 15.33
N LYS A 324 -10.58 17.07 14.08
CA LYS A 324 -11.73 16.86 13.21
C LYS A 324 -11.91 15.38 12.89
N THR A 325 -10.82 14.68 12.57
CA THR A 325 -10.93 13.26 12.26
C THR A 325 -11.36 12.46 13.48
N PHE A 326 -11.04 12.93 14.68
CA PHE A 326 -11.59 12.34 15.90
C PHE A 326 -13.04 12.75 16.10
N ARG A 327 -13.37 14.00 15.77
CA ARG A 327 -14.73 14.50 15.97
C ARG A 327 -15.72 13.74 15.11
N THR A 328 -15.38 13.50 13.84
CA THR A 328 -16.29 12.77 12.95
C THR A 328 -16.51 11.35 13.44
N THR A 329 -15.45 10.69 13.90
CA THR A 329 -15.60 9.33 14.41
C THR A 329 -16.44 9.30 15.68
N PHE A 330 -16.23 10.27 16.57
CA PHE A 330 -17.00 10.31 17.81
C PHE A 330 -18.47 10.57 17.53
N LYS A 331 -18.77 11.47 16.59
CA LYS A 331 -20.17 11.75 16.26
C LYS A 331 -20.85 10.52 15.64
N MET A 332 -20.12 9.78 14.80
CA MET A 332 -20.71 8.62 14.14
C MET A 332 -21.10 7.55 15.16
N LEU A 333 -20.24 7.27 16.13
CA LEU A 333 -20.56 6.25 17.13
C LEU A 333 -21.58 6.75 18.14
N LEU A 334 -21.54 8.05 18.47
CA LEU A 334 -22.50 8.59 19.44
C LEU A 334 -23.90 8.64 18.85
N LEU A 335 -24.03 9.02 17.58
CA LEU A 335 -25.35 9.08 16.94
C LEU A 335 -25.97 7.69 16.84
N CYS A 336 -25.18 6.70 16.44
CA CYS A 336 -25.67 5.33 16.31
C CYS A 336 -24.54 4.36 16.62
N GLN A 337 -24.85 3.33 17.40
CA GLN A 337 -23.85 2.31 17.72
C GLN A 337 -23.54 1.48 16.49
N CYS A 338 -22.25 1.16 16.31
CA CYS A 338 -21.81 0.37 15.18
C CYS A 338 -20.96 -0.82 15.63
N VAL B 5 2.59 -25.69 9.72
CA VAL B 5 3.31 -24.98 8.68
C VAL B 5 4.45 -25.85 8.17
N SER B 6 4.66 -25.84 6.86
CA SER B 6 5.65 -26.70 6.23
C SER B 6 7.06 -26.15 6.46
N ALA B 7 8.05 -26.99 6.15
CA ALA B 7 9.44 -26.54 6.19
C ALA B 7 9.68 -25.46 5.13
N GLU B 8 9.08 -25.66 3.97
CA GLU B 8 9.23 -24.72 2.84
C GLU B 8 8.33 -23.49 3.05
N ASP B 9 7.14 -23.61 3.68
CA ASP B 9 6.28 -22.47 4.00
C ASP B 9 6.89 -21.62 5.12
N LYS B 10 7.54 -22.24 6.09
CA LYS B 10 8.32 -21.46 7.04
C LYS B 10 9.43 -20.69 6.35
N ALA B 11 10.14 -21.33 5.43
CA ALA B 11 11.17 -20.64 4.67
C ALA B 11 10.56 -19.58 3.77
N ALA B 12 9.41 -19.86 3.17
CA ALA B 12 8.71 -18.85 2.37
C ALA B 12 8.24 -17.69 3.22
N ALA B 13 7.76 -17.95 4.43
CA ALA B 13 7.37 -16.88 5.33
C ALA B 13 8.58 -16.01 5.71
N GLU B 14 9.73 -16.65 5.94
CA GLU B 14 10.94 -15.89 6.23
C GLU B 14 11.33 -14.99 5.07
N ARG B 15 11.14 -15.48 3.83
CA ARG B 15 11.35 -14.64 2.66
C ARG B 15 10.36 -13.48 2.63
N SER B 16 9.10 -13.75 2.95
CA SER B 16 8.09 -12.68 2.96
C SER B 16 8.41 -11.63 4.01
N LYS B 17 8.90 -12.05 5.17
CA LYS B 17 9.28 -11.10 6.21
C LYS B 17 10.45 -10.24 5.78
N MET B 18 11.41 -10.83 5.05
CA MET B 18 12.53 -10.04 4.54
C MET B 18 12.08 -9.04 3.49
N ILE B 19 11.13 -9.42 2.64
CA ILE B 19 10.57 -8.47 1.69
C ILE B 19 9.86 -7.34 2.42
N ASP B 20 9.19 -7.67 3.53
CA ASP B 20 8.48 -6.66 4.31
C ASP B 20 9.43 -5.60 4.84
N LYS B 21 10.58 -6.01 5.38
CA LYS B 21 11.48 -5.05 5.98
C LYS B 21 12.17 -4.18 4.92
N ASN B 22 12.42 -4.73 3.73
CA ASN B 22 12.95 -3.91 2.65
C ASN B 22 11.89 -2.97 2.11
N LEU B 23 10.63 -3.40 2.07
CA LEU B 23 9.55 -2.51 1.67
C LEU B 23 9.41 -1.36 2.65
N ARG B 24 9.47 -1.64 3.95
CA ARG B 24 9.35 -0.59 4.94
C ARG B 24 10.56 0.33 4.92
N GLU B 25 11.76 -0.23 4.75
CA GLU B 25 12.96 0.59 4.69
C GLU B 25 12.95 1.49 3.45
N ASP B 26 12.55 0.94 2.31
CA ASP B 26 12.45 1.75 1.10
C ASP B 26 11.35 2.81 1.24
N GLY B 27 10.22 2.43 1.85
CA GLY B 27 9.16 3.39 2.05
C GLY B 27 9.53 4.50 3.00
N GLU B 28 10.29 4.17 4.06
CA GLU B 28 10.72 5.20 5.00
C GLU B 28 11.62 6.23 4.31
N LYS B 29 12.56 5.76 3.49
CA LYS B 29 13.42 6.68 2.76
C LYS B 29 12.63 7.50 1.74
N ALA B 30 11.48 6.99 1.32
CA ALA B 30 10.60 7.70 0.40
C ALA B 30 9.75 8.75 1.11
N ARG B 31 9.79 8.82 2.43
CA ARG B 31 9.02 9.80 3.18
C ARG B 31 9.76 11.11 3.40
N ARG B 32 11.09 11.12 3.23
CA ARG B 32 11.86 12.35 3.32
C ARG B 32 12.00 13.06 1.98
N THR B 33 11.08 12.85 1.05
CA THR B 33 11.12 13.53 -0.23
C THR B 33 9.73 14.03 -0.59
N LEU B 34 9.68 15.15 -1.30
CA LEU B 34 8.45 15.88 -1.57
C LEU B 34 8.12 15.85 -3.06
N ARG B 35 6.87 15.50 -3.37
CA ARG B 35 6.41 15.43 -4.76
C ARG B 35 5.91 16.81 -5.19
N LEU B 36 6.46 17.31 -6.29
CA LEU B 36 6.09 18.59 -6.86
C LEU B 36 5.65 18.38 -8.31
N LEU B 37 4.49 18.93 -8.65
CA LEU B 37 3.96 18.86 -10.01
C LEU B 37 4.22 20.17 -10.73
N LEU B 38 4.57 20.07 -12.01
CA LEU B 38 4.89 21.24 -12.81
C LEU B 38 3.95 21.28 -14.01
N LEU B 39 3.25 22.39 -14.17
CA LEU B 39 2.33 22.60 -15.28
C LEU B 39 2.56 24.01 -15.82
N GLY B 40 1.66 24.45 -16.69
CA GLY B 40 1.80 25.76 -17.30
C GLY B 40 1.36 25.80 -18.76
N ALA B 41 2.26 26.26 -19.64
CA ALA B 41 1.98 26.36 -21.06
C ALA B 41 3.23 25.96 -21.84
N ASP B 42 3.12 26.00 -23.17
CA ASP B 42 4.21 25.56 -24.03
C ASP B 42 5.36 26.57 -24.06
N ASN B 43 5.07 27.78 -24.55
CA ASN B 43 6.06 28.85 -24.56
C ASN B 43 6.08 29.55 -23.20
N SER B 44 6.52 28.79 -22.19
CA SER B 44 6.43 29.22 -20.81
C SER B 44 7.69 28.98 -19.99
N GLY B 45 8.67 28.24 -20.51
CA GLY B 45 9.84 27.92 -19.73
C GLY B 45 9.54 26.96 -18.59
N LYS B 46 8.99 25.80 -18.92
CA LYS B 46 8.70 24.79 -17.90
C LYS B 46 9.98 24.34 -17.20
N SER B 47 11.05 24.12 -17.97
CA SER B 47 12.30 23.60 -17.45
C SER B 47 13.34 24.70 -17.26
N THR B 48 12.90 25.89 -16.88
CA THR B 48 13.80 27.02 -16.68
C THR B 48 13.71 27.63 -15.29
N ILE B 49 12.91 27.05 -14.40
CA ILE B 49 12.76 27.59 -13.05
C ILE B 49 13.94 27.16 -12.18
N GLY B 68 8.03 9.09 -21.07
CA GLY B 68 7.24 10.23 -21.51
C GLY B 68 7.05 11.28 -20.42
N ILE B 69 7.55 10.97 -19.23
CA ILE B 69 7.47 11.87 -18.07
C ILE B 69 8.88 12.15 -17.57
N PHE B 70 9.25 13.41 -17.51
CA PHE B 70 10.54 13.82 -17.00
C PHE B 70 10.47 14.02 -15.50
N GLU B 71 11.58 13.71 -14.83
CA GLU B 71 11.64 13.76 -13.37
C GLU B 71 12.96 14.42 -12.97
N THR B 72 12.87 15.50 -12.18
CA THR B 72 14.03 16.15 -11.62
C THR B 72 13.93 16.14 -10.10
N LYS B 73 15.06 15.91 -9.45
CA LYS B 73 15.12 15.82 -7.99
C LYS B 73 16.19 16.78 -7.50
N PHE B 74 15.78 17.86 -6.85
CA PHE B 74 16.69 18.83 -6.26
C PHE B 74 16.49 18.83 -4.76
N GLN B 75 17.58 18.73 -4.02
CA GLN B 75 17.55 18.68 -2.56
C GLN B 75 17.89 20.05 -2.02
N VAL B 76 16.90 20.71 -1.41
CA VAL B 76 17.07 22.05 -0.85
C VAL B 76 17.01 21.94 0.67
N ASP B 77 18.06 22.41 1.34
CA ASP B 77 18.16 22.37 2.79
C ASP B 77 17.95 20.95 3.30
N LYS B 78 18.70 20.01 2.73
CA LYS B 78 18.75 18.61 3.12
C LYS B 78 17.42 17.89 2.93
N VAL B 79 16.42 18.55 2.36
CA VAL B 79 15.12 17.95 2.08
C VAL B 79 15.03 17.71 0.58
N ASN B 80 14.66 16.49 0.20
CA ASN B 80 14.55 16.14 -1.21
C ASN B 80 13.24 16.64 -1.78
N PHE B 81 13.32 17.34 -2.92
CA PHE B 81 12.15 17.82 -3.65
C PHE B 81 12.26 17.24 -5.06
N HIS B 82 11.47 16.22 -5.36
CA HIS B 82 11.55 15.58 -6.68
C HIS B 82 10.38 16.08 -7.53
N MET B 83 10.67 17.04 -8.40
CA MET B 83 9.68 17.73 -9.22
C MET B 83 9.53 17.02 -10.56
N PHE B 84 8.36 17.13 -11.17
CA PHE B 84 7.95 16.28 -12.26
C PHE B 84 7.35 17.08 -13.41
N ASP B 85 7.73 16.72 -14.63
CA ASP B 85 7.28 17.39 -15.84
C ASP B 85 6.52 16.40 -16.71
N VAL B 86 5.43 16.85 -17.31
CA VAL B 86 4.65 16.00 -18.19
C VAL B 86 4.27 16.77 -19.46
N ARG B 93 -9.37 16.93 -20.20
CA ARG B 93 -8.08 17.01 -20.87
C ARG B 93 -7.03 16.22 -20.11
N ARG B 94 -6.82 16.59 -18.84
CA ARG B 94 -5.82 15.94 -17.98
C ARG B 94 -6.55 14.93 -17.11
N LYS B 95 -6.68 13.70 -17.62
CA LYS B 95 -7.33 12.64 -16.85
C LYS B 95 -6.43 12.13 -15.74
N TRP B 96 -5.11 12.19 -15.93
CA TRP B 96 -4.13 11.68 -14.98
C TRP B 96 -3.97 12.55 -13.76
N ILE B 97 -4.84 13.55 -13.57
CA ILE B 97 -4.78 14.36 -12.36
C ILE B 97 -5.03 13.50 -11.13
N GLN B 98 -5.80 12.42 -11.28
CA GLN B 98 -6.06 11.55 -10.14
C GLN B 98 -4.78 10.99 -9.55
N CYS B 99 -3.72 10.87 -10.36
CA CYS B 99 -2.42 10.46 -9.82
C CYS B 99 -1.88 11.51 -8.85
N PHE B 100 -2.01 12.77 -9.20
CA PHE B 100 -1.39 13.87 -8.44
C PHE B 100 -2.36 14.46 -7.43
N ASN B 101 -2.92 13.60 -6.58
CA ASN B 101 -3.78 14.04 -5.50
C ASN B 101 -3.07 14.06 -4.15
N ASP B 102 -1.90 13.43 -4.05
CA ASP B 102 -1.07 13.48 -2.85
C ASP B 102 0.10 14.45 -3.00
N VAL B 103 0.13 15.21 -4.09
CA VAL B 103 1.21 16.15 -4.34
C VAL B 103 1.20 17.25 -3.28
N THR B 104 2.40 17.61 -2.80
CA THR B 104 2.53 18.71 -1.87
C THR B 104 2.06 20.03 -2.48
N ALA B 105 2.45 20.28 -3.74
CA ALA B 105 2.12 21.55 -4.39
C ALA B 105 2.32 21.40 -5.89
N ILE B 106 1.41 22.00 -6.66
CA ILE B 106 1.48 22.00 -8.12
C ILE B 106 2.00 23.35 -8.56
N ILE B 107 3.17 23.35 -9.20
CA ILE B 107 3.78 24.58 -9.68
C ILE B 107 3.12 24.96 -11.00
N PHE B 108 2.63 26.20 -11.08
CA PHE B 108 1.98 26.69 -12.28
C PHE B 108 2.73 27.92 -12.76
N VAL B 109 2.92 28.02 -14.07
CA VAL B 109 3.59 29.16 -14.70
C VAL B 109 2.67 29.70 -15.80
N VAL B 110 2.54 31.02 -15.85
CA VAL B 110 1.75 31.69 -16.88
C VAL B 110 2.62 32.75 -17.54
N ASP B 111 2.26 33.10 -18.77
CA ASP B 111 3.11 33.92 -19.62
C ASP B 111 2.77 35.38 -19.41
N SER B 112 3.54 36.06 -18.55
CA SER B 112 3.31 37.48 -18.31
C SER B 112 3.60 38.32 -19.55
N SER B 113 4.69 38.02 -20.24
CA SER B 113 5.06 38.80 -21.42
C SER B 113 4.15 38.50 -22.60
N ASP B 114 3.87 37.22 -22.85
CA ASP B 114 2.93 36.85 -23.90
C ASP B 114 1.54 37.31 -23.51
N TYR B 115 1.03 38.33 -24.19
CA TYR B 115 -0.21 38.96 -23.76
C TYR B 115 -1.44 38.23 -24.29
N ASN B 116 -1.54 38.11 -25.61
CA ASN B 116 -2.81 37.65 -26.18
C ASN B 116 -2.92 36.13 -26.13
N ARG B 117 -2.60 35.55 -24.97
CA ARG B 117 -2.98 34.20 -24.63
C ARG B 117 -3.26 34.04 -23.15
N LEU B 118 -3.21 35.13 -22.37
CA LEU B 118 -3.35 35.02 -20.92
C LEU B 118 -4.72 34.49 -20.54
N GLN B 119 -5.77 34.91 -21.24
CA GLN B 119 -7.11 34.43 -20.93
C GLN B 119 -7.21 32.92 -21.09
N GLU B 120 -6.37 32.32 -21.94
CA GLU B 120 -6.22 30.88 -21.93
C GLU B 120 -5.61 30.41 -20.61
N ALA B 121 -4.60 31.14 -20.13
CA ALA B 121 -3.93 30.75 -18.89
C ALA B 121 -4.88 30.86 -17.69
N LEU B 122 -5.75 31.87 -17.70
CA LEU B 122 -6.75 31.98 -16.65
C LEU B 122 -7.68 30.77 -16.64
N ASN B 123 -8.11 30.35 -17.84
CA ASN B 123 -9.02 29.21 -17.93
C ASN B 123 -8.35 27.94 -17.43
N ASP B 124 -7.07 27.75 -17.76
CA ASP B 124 -6.34 26.58 -17.29
C ASP B 124 -6.21 26.60 -15.77
N PHE B 125 -5.87 27.76 -15.21
CA PHE B 125 -5.79 27.87 -13.75
C PHE B 125 -7.17 27.78 -13.11
N LYS B 126 -8.25 28.05 -13.86
CA LYS B 126 -9.59 27.92 -13.32
C LYS B 126 -9.96 26.46 -13.12
N SER B 127 -9.69 25.61 -14.11
CA SER B 127 -10.02 24.20 -13.99
C SER B 127 -9.12 23.51 -12.96
N ILE B 128 -7.84 23.88 -12.92
CA ILE B 128 -6.95 23.26 -11.94
C ILE B 128 -7.36 23.62 -10.53
N TRP B 129 -7.89 24.83 -10.33
CA TRP B 129 -8.31 25.25 -9.01
C TRP B 129 -9.57 24.54 -8.55
N ASN B 130 -10.51 24.32 -9.45
CA ASN B 130 -11.80 23.72 -9.12
C ASN B 130 -11.92 22.28 -9.62
N ASN B 131 -10.81 21.57 -9.72
CA ASN B 131 -10.88 20.18 -10.13
C ASN B 131 -11.27 19.32 -8.94
N ARG B 132 -11.83 18.14 -9.25
CA ARG B 132 -12.35 17.27 -8.21
C ARG B 132 -11.26 16.84 -7.23
N TRP B 133 -10.07 16.53 -7.75
CA TRP B 133 -8.99 16.00 -6.92
C TRP B 133 -8.08 17.08 -6.36
N LEU B 134 -7.92 18.21 -7.06
CA LEU B 134 -7.06 19.28 -6.59
C LEU B 134 -7.87 20.34 -5.83
N ARG B 135 -8.58 19.88 -4.80
CA ARG B 135 -9.31 20.77 -3.91
C ARG B 135 -8.53 21.12 -2.66
N THR B 136 -7.66 20.23 -2.19
CA THR B 136 -6.78 20.51 -1.07
C THR B 136 -5.32 20.65 -1.51
N ILE B 137 -5.07 20.66 -2.81
CA ILE B 137 -3.70 20.74 -3.33
C ILE B 137 -3.36 22.19 -3.59
N SER B 138 -2.30 22.66 -2.95
CA SER B 138 -1.85 24.03 -3.13
C SER B 138 -1.24 24.22 -4.51
N VAL B 139 -1.10 25.49 -4.92
CA VAL B 139 -0.48 25.86 -6.18
C VAL B 139 0.52 26.97 -5.92
N ILE B 140 1.70 26.84 -6.45
CA ILE B 140 2.68 27.92 -6.47
C ILE B 140 2.64 28.55 -7.85
N LEU B 141 2.82 29.86 -7.90
CA LEU B 141 2.67 30.62 -9.13
C LEU B 141 4.00 31.32 -9.42
N PHE B 142 4.45 31.23 -10.67
CA PHE B 142 5.82 31.58 -11.05
C PHE B 142 5.83 32.39 -12.35
N LEU B 143 5.08 33.50 -12.37
CA LEU B 143 4.99 34.39 -13.53
C LEU B 143 6.34 34.54 -14.22
N ASN B 144 6.37 34.23 -15.52
CA ASN B 144 7.61 34.05 -16.26
C ASN B 144 7.83 35.21 -17.22
N LYS B 145 9.04 35.24 -17.80
CA LYS B 145 9.46 36.29 -18.72
C LYS B 145 9.31 37.67 -18.07
N GLN B 146 9.71 37.76 -16.81
CA GLN B 146 9.59 39.02 -16.07
C GLN B 146 10.46 40.11 -16.67
N ASP B 147 11.68 39.76 -17.08
CA ASP B 147 12.54 40.74 -17.73
C ASP B 147 11.94 41.23 -19.05
N LEU B 148 11.34 40.31 -19.81
CA LEU B 148 10.69 40.69 -21.06
C LEU B 148 9.49 41.58 -20.80
N LEU B 149 8.79 41.38 -19.68
CA LEU B 149 7.61 42.18 -19.38
C LEU B 149 7.96 43.65 -19.17
N ALA B 150 9.06 43.93 -18.48
CA ALA B 150 9.41 45.32 -18.19
C ALA B 150 9.65 46.11 -19.47
N GLU B 151 10.35 45.52 -20.44
CA GLU B 151 10.61 46.19 -21.70
C GLU B 151 9.47 46.02 -22.70
N LYS B 152 8.47 45.20 -22.39
CA LYS B 152 7.32 45.07 -23.28
C LYS B 152 6.44 46.32 -23.22
N VAL B 153 6.16 46.81 -22.02
CA VAL B 153 5.26 47.95 -21.88
C VAL B 153 6.02 49.27 -21.93
N LEU B 154 7.33 49.27 -21.71
CA LEU B 154 8.12 50.49 -21.81
C LEU B 154 8.07 51.05 -23.23
N ALA B 155 8.17 50.18 -24.23
CA ALA B 155 8.08 50.63 -25.62
C ALA B 155 6.70 51.18 -25.95
N GLY B 156 5.66 50.63 -25.34
CA GLY B 156 4.30 51.08 -25.58
C GLY B 156 3.63 50.49 -26.79
N LYS B 157 4.21 49.48 -27.42
CA LYS B 157 3.66 48.85 -28.60
C LYS B 157 2.69 47.71 -28.27
N SER B 158 2.13 47.71 -27.06
CA SER B 158 1.19 46.65 -26.65
C SER B 158 0.16 47.29 -25.72
N LYS B 159 -1.08 47.36 -26.20
CA LYS B 159 -2.21 47.86 -25.37
C LYS B 159 -2.84 46.68 -24.65
N ILE B 160 -2.57 46.53 -23.35
CA ILE B 160 -3.15 45.43 -22.52
C ILE B 160 -4.65 45.66 -22.51
N GLU B 161 -5.09 46.92 -22.46
CA GLU B 161 -6.54 47.19 -22.32
C GLU B 161 -7.18 46.60 -23.56
N ASP B 162 -6.55 46.74 -24.73
CA ASP B 162 -7.07 46.02 -25.93
C ASP B 162 -7.00 44.50 -25.74
N TYR B 163 -5.93 43.95 -25.16
CA TYR B 163 -5.99 42.49 -24.86
C TYR B 163 -7.24 42.36 -23.98
N PHE B 164 -7.16 42.89 -22.75
CA PHE B 164 -8.29 42.88 -21.80
C PHE B 164 -8.24 44.21 -21.03
N PRO B 165 -9.28 45.06 -21.06
CA PRO B 165 -9.21 46.41 -20.46
C PRO B 165 -9.41 46.56 -18.95
N GLU B 166 -9.20 45.57 -18.12
CA GLU B 166 -9.41 45.90 -16.69
C GLU B 166 -8.50 47.09 -16.36
N PHE B 167 -7.39 47.24 -17.11
CA PHE B 167 -6.37 48.27 -16.80
C PHE B 167 -6.94 49.66 -17.06
N ALA B 168 -8.04 49.76 -17.81
CA ALA B 168 -8.69 51.07 -18.03
C ALA B 168 -8.60 51.85 -16.73
N ARG B 169 -8.99 51.23 -15.62
CA ARG B 169 -8.87 51.89 -14.31
C ARG B 169 -7.41 52.25 -14.04
N TYR B 170 -6.48 51.28 -14.14
CA TYR B 170 -5.06 51.58 -13.77
C TYR B 170 -4.93 52.08 -12.34
N THR B 171 -5.55 51.43 -11.36
CA THR B 171 -5.58 51.95 -9.98
C THR B 171 -4.18 52.08 -9.39
N THR B 172 -3.26 51.16 -9.65
CA THR B 172 -1.94 51.24 -8.96
C THR B 172 -2.31 51.14 -7.50
N PRO B 173 -3.05 50.11 -7.08
CA PRO B 173 -3.64 50.03 -5.74
C PRO B 173 -2.50 50.19 -4.75
N GLU B 174 -2.76 50.80 -3.59
CA GLU B 174 -1.57 51.13 -2.78
C GLU B 174 -0.88 49.82 -2.47
N ASP B 175 0.43 49.82 -2.65
CA ASP B 175 1.23 48.59 -2.48
C ASP B 175 2.67 49.02 -2.24
N ALA B 176 3.50 48.14 -1.73
CA ALA B 176 4.92 48.51 -1.67
C ALA B 176 5.66 47.55 -2.61
N THR B 177 6.46 48.08 -3.53
CA THR B 177 7.27 47.22 -4.42
C THR B 177 8.75 47.55 -4.17
N PRO B 178 9.63 46.54 -3.96
CA PRO B 178 11.04 46.78 -3.73
C PRO B 178 11.59 47.43 -5.00
N GLU B 179 11.11 46.96 -6.15
CA GLU B 179 11.63 47.44 -7.46
C GLU B 179 11.29 48.90 -7.72
N PRO B 180 12.15 49.60 -8.50
CA PRO B 180 11.93 51.00 -8.87
C PRO B 180 10.55 51.37 -9.42
N GLY B 181 10.25 52.66 -9.40
CA GLY B 181 8.97 53.14 -9.95
C GLY B 181 8.93 52.86 -11.45
N GLU B 182 7.75 52.54 -11.97
CA GLU B 182 7.55 52.25 -13.39
C GLU B 182 7.68 53.52 -14.23
N ASP B 183 8.63 53.54 -15.16
CA ASP B 183 8.83 54.70 -16.07
C ASP B 183 7.60 54.90 -16.98
N PRO B 184 7.01 53.83 -17.55
CA PRO B 184 5.88 53.91 -18.45
C PRO B 184 4.57 53.61 -17.73
N ARG B 185 4.56 53.55 -16.39
CA ARG B 185 3.35 53.08 -15.65
C ARG B 185 3.35 51.53 -15.65
N VAL B 186 4.49 50.89 -15.93
CA VAL B 186 4.63 49.39 -16.01
C VAL B 186 4.34 48.66 -14.70
N THR B 187 4.87 49.13 -13.57
CA THR B 187 4.74 48.34 -12.31
C THR B 187 3.29 48.08 -11.89
N ARG B 188 2.37 49.03 -11.99
CA ARG B 188 1.02 48.67 -11.51
C ARG B 188 0.60 47.45 -12.32
N ALA B 189 0.94 47.44 -13.61
CA ALA B 189 0.59 46.30 -14.49
C ALA B 189 1.30 45.05 -13.99
N LYS B 190 2.49 45.21 -13.42
CA LYS B 190 3.23 44.05 -12.84
C LYS B 190 2.36 43.40 -11.77
N TYR B 191 1.57 44.20 -11.04
CA TYR B 191 0.66 43.64 -10.03
C TYR B 191 -0.71 43.65 -10.69
N PHE B 192 -0.82 44.29 -11.85
CA PHE B 192 -2.16 44.20 -12.51
C PHE B 192 -2.37 42.79 -13.07
N ILE B 193 -1.42 42.34 -13.90
CA ILE B 193 -1.64 41.01 -14.52
C ILE B 193 -1.71 40.07 -13.34
N ARG B 194 -0.70 40.11 -12.48
CA ARG B 194 -0.59 39.14 -11.36
C ARG B 194 -1.90 38.83 -10.62
N LYS B 195 -2.64 39.83 -10.15
CA LYS B 195 -3.84 39.65 -9.29
C LYS B 195 -5.00 38.87 -9.94
N GLU B 196 -5.10 38.76 -11.27
CA GLU B 196 -6.21 37.97 -11.85
C GLU B 196 -6.00 36.52 -11.43
N PHE B 197 -4.79 36.24 -10.99
CA PHE B 197 -4.43 34.87 -10.61
C PHE B 197 -4.62 34.72 -9.11
N VAL B 198 -5.23 35.72 -8.49
CA VAL B 198 -5.49 35.70 -7.03
C VAL B 198 -6.97 36.06 -6.82
N ASP B 199 -7.75 36.26 -7.90
CA ASP B 199 -9.22 36.44 -7.74
C ASP B 199 -9.94 35.10 -7.98
N ILE B 200 -9.60 34.39 -9.03
CA ILE B 200 -10.14 33.02 -9.26
C ILE B 200 -9.65 32.21 -8.09
N SER B 201 -8.39 32.47 -7.68
CA SER B 201 -7.74 31.79 -6.54
C SER B 201 -8.62 31.78 -5.29
N THR B 202 -9.18 32.93 -4.93
CA THR B 202 -10.03 33.07 -3.74
C THR B 202 -11.51 33.14 -4.14
N ALA B 203 -11.99 32.04 -4.71
CA ALA B 203 -13.39 31.89 -5.05
C ALA B 203 -14.01 30.57 -4.62
N SER B 204 -13.19 29.53 -4.40
CA SER B 204 -13.70 28.25 -3.96
C SER B 204 -12.57 27.48 -3.28
N GLY B 205 -12.91 26.75 -2.23
CA GLY B 205 -11.92 26.00 -1.49
C GLY B 205 -11.98 26.23 0.01
N ASP B 206 -12.48 27.41 0.40
CA ASP B 206 -12.63 27.77 1.82
C ASP B 206 -11.31 27.69 2.56
N GLY B 207 -10.23 28.11 1.91
CA GLY B 207 -8.93 28.14 2.54
C GLY B 207 -8.24 26.81 2.70
N ARG B 208 -8.79 25.74 2.11
CA ARG B 208 -8.15 24.43 2.21
C ARG B 208 -6.80 24.42 1.48
N HIS B 209 -6.73 25.06 0.32
CA HIS B 209 -5.50 25.14 -0.44
C HIS B 209 -5.20 26.59 -0.81
N ILE B 210 -3.92 26.91 -0.91
CA ILE B 210 -3.46 28.29 -1.04
C ILE B 210 -2.60 28.43 -2.30
N CYS B 211 -2.81 29.52 -3.03
CA CYS B 211 -1.96 29.89 -4.15
C CYS B 211 -0.98 30.98 -3.73
N TYR B 212 0.26 30.88 -4.22
CA TYR B 212 1.33 31.80 -3.86
C TYR B 212 1.87 32.49 -5.11
N PRO B 213 1.38 33.68 -5.45
CA PRO B 213 1.97 34.43 -6.55
C PRO B 213 3.45 34.72 -6.33
N HIS B 214 4.21 34.71 -7.42
CA HIS B 214 5.62 35.07 -7.43
C HIS B 214 5.96 35.61 -8.81
N PHE B 215 7.07 36.35 -8.89
CA PHE B 215 7.62 36.84 -10.15
C PHE B 215 9.02 36.30 -10.32
N THR B 216 9.31 35.72 -11.48
CA THR B 216 10.60 35.11 -11.71
C THR B 216 11.04 35.33 -13.16
N CYS B 217 12.36 35.29 -13.35
CA CYS B 217 13.00 35.36 -14.65
C CYS B 217 13.66 34.03 -14.97
N ALA B 218 14.39 33.98 -16.07
CA ALA B 218 15.17 32.81 -16.44
C ALA B 218 16.56 32.79 -15.80
N VAL B 219 17.01 33.91 -15.25
CA VAL B 219 18.34 34.01 -14.65
C VAL B 219 18.22 34.44 -13.20
N ASP B 220 17.14 34.00 -12.54
CA ASP B 220 16.81 34.43 -11.19
C ASP B 220 17.51 33.60 -10.10
N THR B 221 18.64 32.98 -10.43
CA THR B 221 19.46 32.17 -9.52
C THR B 221 18.64 31.35 -8.53
N GLU B 222 18.66 31.70 -7.25
CA GLU B 222 17.99 30.91 -6.22
C GLU B 222 16.48 31.03 -6.38
N ASN B 223 15.89 30.09 -7.11
CA ASN B 223 14.44 30.03 -7.26
C ASN B 223 13.84 28.78 -6.64
N ALA B 224 14.66 27.80 -6.27
CA ALA B 224 14.14 26.62 -5.60
C ALA B 224 13.79 26.89 -4.14
N ARG B 225 14.35 27.95 -3.56
CA ARG B 225 13.99 28.32 -2.20
C ARG B 225 12.53 28.77 -2.10
N ARG B 226 11.99 29.34 -3.18
CA ARG B 226 10.60 29.77 -3.17
C ARG B 226 9.65 28.59 -2.98
N ILE B 227 9.91 27.49 -3.69
CA ILE B 227 9.11 26.28 -3.46
C ILE B 227 9.35 25.74 -2.06
N PHE B 228 10.61 25.75 -1.61
CA PHE B 228 10.93 25.24 -0.28
C PHE B 228 10.17 26.01 0.80
N ASN B 229 10.22 27.34 0.73
CA ASN B 229 9.49 28.13 1.71
C ASN B 229 7.99 27.97 1.56
N ASP B 230 7.50 27.82 0.32
CA ASP B 230 6.08 27.59 0.12
C ASP B 230 5.66 26.19 0.56
N CYS B 231 6.51 25.19 0.33
CA CYS B 231 6.24 23.87 0.86
C CYS B 231 6.28 23.86 2.38
N LYS B 232 7.14 24.69 2.96
CA LYS B 232 7.17 24.83 4.41
C LYS B 232 5.84 25.33 4.94
N ASP B 233 5.25 26.32 4.27
CA ASP B 233 4.00 26.92 4.74
C ASP B 233 2.88 25.89 4.69
N ILE B 234 2.82 25.08 3.63
CA ILE B 234 1.73 24.13 3.47
C ILE B 234 1.78 23.06 4.55
N ILE B 235 2.97 22.62 4.94
CA ILE B 235 3.06 21.59 5.96
C ILE B 235 2.52 22.09 7.29
N LEU B 236 2.71 23.39 7.58
CA LEU B 236 2.05 23.99 8.73
C LEU B 236 0.53 23.86 8.63
N GLN B 237 -0.03 24.11 7.45
CA GLN B 237 -1.48 24.14 7.30
C GLN B 237 -2.10 22.81 7.69
N MET B 238 -1.53 21.70 7.19
CA MET B 238 -2.01 20.40 7.63
C MET B 238 -1.64 20.15 9.09
N ASN B 239 -0.46 20.59 9.51
CA ASN B 239 -0.08 20.43 10.92
C ASN B 239 -0.99 21.24 11.83
N LEU B 240 -1.25 22.50 11.47
CA LEU B 240 -2.13 23.32 12.29
C LEU B 240 -3.56 22.80 12.25
N ARG B 241 -4.01 22.29 11.11
CA ARG B 241 -5.38 21.81 10.99
C ARG B 241 -5.61 20.58 11.87
N GLU B 242 -4.65 19.66 11.91
CA GLU B 242 -4.78 18.50 12.77
C GLU B 242 -4.82 18.91 14.24
N TYR B 243 -3.98 19.86 14.62
CA TYR B 243 -4.01 20.41 15.97
C TYR B 243 -5.11 21.44 16.15
N ASN B 244 -5.75 21.85 15.06
CA ASN B 244 -6.90 22.77 15.09
C ASN B 244 -6.53 24.09 15.74
N LEU B 245 -5.37 24.62 15.39
CA LEU B 245 -4.97 25.97 15.76
C LEU B 245 -5.27 26.98 14.65
N VAL B 246 -5.87 26.55 13.55
CA VAL B 246 -6.19 27.45 12.44
C VAL B 246 -7.70 27.51 12.25
N GLU C 2 -18.69 19.13 -52.48
CA GLU C 2 -17.60 18.20 -52.17
C GLU C 2 -17.51 17.95 -50.67
N LEU C 3 -16.90 18.91 -49.95
CA LEU C 3 -16.78 18.79 -48.50
C LEU C 3 -18.16 18.78 -47.84
N ASP C 4 -19.07 19.64 -48.31
CA ASP C 4 -20.43 19.63 -47.80
C ASP C 4 -21.15 18.34 -48.15
N GLN C 5 -20.89 17.79 -49.35
CA GLN C 5 -21.56 16.58 -49.78
C GLN C 5 -21.25 15.42 -48.85
N LEU C 6 -19.99 15.32 -48.40
CA LEU C 6 -19.64 14.28 -47.44
C LEU C 6 -20.31 14.52 -46.09
N ARG C 7 -20.61 15.78 -45.78
CA ARG C 7 -21.25 16.09 -44.49
C ARG C 7 -22.65 15.50 -44.40
N GLN C 8 -23.46 15.73 -45.43
CA GLN C 8 -24.80 15.13 -45.45
C GLN C 8 -24.73 13.61 -45.62
N GLU C 9 -23.77 13.12 -46.41
CA GLU C 9 -23.63 11.68 -46.58
C GLU C 9 -23.26 11.01 -45.26
N ALA C 10 -22.35 11.62 -44.50
CA ALA C 10 -22.01 11.08 -43.18
C ALA C 10 -23.22 11.09 -42.25
N GLU C 11 -23.99 12.18 -42.25
CA GLU C 11 -25.18 12.25 -41.41
C GLU C 11 -26.25 11.26 -41.88
N GLN C 12 -26.52 11.23 -43.18
CA GLN C 12 -27.54 10.34 -43.70
C GLN C 12 -27.17 8.87 -43.47
N LEU C 13 -25.91 8.53 -43.68
CA LEU C 13 -25.45 7.17 -43.40
C LEU C 13 -25.52 6.87 -41.92
N LYS C 14 -25.30 7.90 -41.08
CA LYS C 14 -25.45 7.72 -39.63
C LYS C 14 -26.90 7.45 -39.25
N ASN C 15 -27.84 8.11 -39.93
CA ASN C 15 -29.25 7.87 -39.63
C ASN C 15 -29.66 6.44 -39.99
N GLN C 16 -29.13 5.92 -41.10
CA GLN C 16 -29.40 4.53 -41.46
C GLN C 16 -28.87 3.59 -40.40
N ILE C 17 -27.79 3.97 -39.72
CA ILE C 17 -27.32 3.22 -38.56
C ILE C 17 -28.37 3.25 -37.47
N ARG C 18 -28.91 4.44 -37.16
CA ARG C 18 -29.88 4.58 -36.09
C ARG C 18 -31.15 3.81 -36.39
N ASP C 19 -31.63 3.86 -37.63
CA ASP C 19 -32.82 3.11 -38.01
C ASP C 19 -32.57 1.61 -37.92
N ALA C 20 -31.40 1.15 -38.37
CA ALA C 20 -31.06 -0.26 -38.25
C ALA C 20 -30.99 -0.69 -36.78
N ARG C 21 -30.46 0.19 -35.92
CA ARG C 21 -30.44 -0.11 -34.49
C ARG C 21 -31.84 -0.23 -33.93
N LYS C 22 -32.76 0.64 -34.35
CA LYS C 22 -34.12 0.62 -33.81
C LYS C 22 -34.87 -0.64 -34.21
N ALA C 23 -34.67 -1.12 -35.44
CA ALA C 23 -35.36 -2.33 -35.88
C ALA C 23 -34.98 -3.54 -35.06
N CYS C 24 -33.77 -3.55 -34.50
CA CYS C 24 -33.32 -4.65 -33.66
C CYS C 24 -33.82 -4.54 -32.23
N ALA C 25 -34.39 -3.40 -31.85
CA ALA C 25 -34.94 -3.22 -30.50
C ALA C 25 -36.33 -3.84 -30.43
N ASP C 26 -36.35 -5.17 -30.56
CA ASP C 26 -37.60 -5.91 -30.54
C ASP C 26 -38.30 -5.75 -29.19
N ALA C 27 -37.58 -5.96 -28.10
CA ALA C 27 -38.12 -5.82 -26.76
C ALA C 27 -36.98 -5.52 -25.80
N THR C 28 -37.32 -4.89 -24.69
CA THR C 28 -36.33 -4.55 -23.69
C THR C 28 -35.83 -5.81 -22.98
N LEU C 29 -34.55 -5.79 -22.61
CA LEU C 29 -34.00 -6.89 -21.82
C LEU C 29 -34.75 -7.04 -20.50
N SER C 30 -35.13 -5.92 -19.88
CA SER C 30 -35.89 -5.97 -18.64
C SER C 30 -37.26 -6.58 -18.88
N GLN C 31 -37.84 -6.38 -20.06
CA GLN C 31 -39.18 -6.88 -20.34
C GLN C 31 -39.24 -8.40 -20.28
N ILE C 32 -38.24 -9.08 -20.85
CA ILE C 32 -38.24 -10.53 -20.89
C ILE C 32 -37.60 -11.17 -19.67
N THR C 33 -36.89 -10.41 -18.85
CA THR C 33 -36.20 -10.94 -17.69
C THR C 33 -36.97 -10.75 -16.40
N ASN C 34 -38.20 -10.21 -16.45
CA ASN C 34 -39.01 -10.14 -15.25
C ASN C 34 -39.71 -11.47 -15.03
N ASN C 35 -38.96 -12.56 -15.12
CA ASN C 35 -39.44 -13.88 -14.77
C ASN C 35 -38.44 -14.69 -13.99
N ILE C 36 -37.16 -14.31 -13.96
CA ILE C 36 -36.14 -15.06 -13.26
C ILE C 36 -36.16 -14.68 -11.78
N ASP C 37 -35.79 -15.63 -10.94
CA ASP C 37 -35.75 -15.37 -9.51
C ASP C 37 -34.67 -14.34 -9.21
N PRO C 38 -34.96 -13.32 -8.40
CA PRO C 38 -33.93 -12.34 -8.05
C PRO C 38 -32.78 -12.99 -7.30
N VAL C 39 -31.57 -12.46 -7.52
CA VAL C 39 -30.40 -12.98 -6.84
C VAL C 39 -30.49 -12.75 -5.33
N GLY C 40 -31.37 -11.83 -4.90
CA GLY C 40 -31.42 -11.47 -3.50
C GLY C 40 -30.26 -10.57 -3.13
N ARG C 41 -29.83 -10.68 -1.88
CA ARG C 41 -28.70 -9.91 -1.37
C ARG C 41 -27.55 -10.86 -1.12
N ILE C 42 -26.40 -10.58 -1.72
CA ILE C 42 -25.20 -11.39 -1.53
C ILE C 42 -24.33 -10.72 -0.47
N GLN C 43 -23.92 -11.48 0.53
CA GLN C 43 -23.12 -10.97 1.64
C GLN C 43 -21.69 -11.43 1.45
N MET C 44 -20.81 -10.50 1.10
CA MET C 44 -19.40 -10.78 0.90
C MET C 44 -18.60 -10.21 2.05
N ARG C 45 -17.69 -11.01 2.60
CA ARG C 45 -16.89 -10.64 3.75
C ARG C 45 -15.42 -10.64 3.37
N THR C 46 -14.66 -9.74 3.99
CA THR C 46 -13.22 -9.70 3.77
C THR C 46 -12.57 -10.93 4.38
N ARG C 47 -11.73 -11.61 3.60
CA ARG C 47 -11.00 -12.79 4.05
C ARG C 47 -9.51 -12.57 4.19
N ARG C 48 -8.95 -11.59 3.47
CA ARG C 48 -7.54 -11.25 3.59
C ARG C 48 -7.39 -9.73 3.46
N THR C 49 -6.28 -9.23 3.98
CA THR C 49 -5.89 -7.83 3.79
C THR C 49 -4.42 -7.83 3.41
N LEU C 50 -4.12 -7.57 2.14
CA LEU C 50 -2.76 -7.61 1.64
C LEU C 50 -2.05 -6.31 2.03
N ARG C 51 -1.61 -6.27 3.28
CA ARG C 51 -0.83 -5.15 3.77
C ARG C 51 0.57 -5.18 3.17
N GLY C 52 1.14 -4.00 2.98
CA GLY C 52 2.47 -3.91 2.44
C GLY C 52 2.65 -2.78 1.47
N HIS C 53 1.60 -2.45 0.72
CA HIS C 53 1.64 -1.28 -0.15
C HIS C 53 1.57 -0.02 0.69
N LEU C 54 2.31 1.00 0.26
CA LEU C 54 2.39 2.25 1.01
C LEU C 54 1.78 3.43 0.27
N ALA C 55 1.32 3.24 -0.96
CA ALA C 55 0.73 4.34 -1.72
C ALA C 55 -0.62 3.91 -2.28
N LYS C 56 -1.20 4.73 -3.15
CA LYS C 56 -2.49 4.41 -3.73
C LYS C 56 -2.34 3.27 -4.74
N ILE C 57 -2.98 2.14 -4.45
CA ILE C 57 -3.05 1.05 -5.41
C ILE C 57 -3.89 1.49 -6.60
N TYR C 58 -3.35 1.32 -7.80
CA TYR C 58 -4.04 1.75 -9.00
C TYR C 58 -4.51 0.61 -9.89
N ALA C 59 -3.91 -0.57 -9.78
CA ALA C 59 -4.33 -1.69 -10.60
C ALA C 59 -3.91 -2.99 -9.93
N MET C 60 -4.59 -4.06 -10.32
CA MET C 60 -4.20 -5.40 -9.91
C MET C 60 -4.59 -6.35 -11.03
N HIS C 61 -3.99 -7.55 -10.98
CA HIS C 61 -4.31 -8.57 -11.97
C HIS C 61 -4.12 -9.94 -11.34
N TRP C 62 -5.14 -10.78 -11.43
CA TRP C 62 -5.02 -12.16 -11.02
C TRP C 62 -4.20 -12.95 -12.04
N GLY C 63 -3.46 -13.92 -11.54
CA GLY C 63 -2.87 -14.91 -12.41
C GLY C 63 -3.91 -15.89 -12.90
N THR C 64 -3.53 -16.66 -13.93
CA THR C 64 -4.46 -17.64 -14.48
C THR C 64 -4.78 -18.73 -13.48
N ASP C 65 -3.91 -18.94 -12.49
CA ASP C 65 -4.10 -19.97 -11.49
C ASP C 65 -5.01 -19.55 -10.35
N SER C 66 -5.48 -18.30 -10.33
CA SER C 66 -6.34 -17.76 -9.27
C SER C 66 -5.67 -17.84 -7.91
N ARG C 67 -4.35 -17.91 -7.89
CA ARG C 67 -3.53 -18.02 -6.69
C ARG C 67 -2.60 -16.84 -6.50
N LEU C 68 -1.88 -16.46 -7.55
CA LEU C 68 -0.96 -15.35 -7.50
C LEU C 68 -1.59 -14.12 -8.13
N LEU C 69 -1.31 -12.96 -7.58
CA LEU C 69 -1.79 -11.72 -8.18
C LEU C 69 -0.71 -10.65 -8.05
N VAL C 70 -0.61 -9.82 -9.07
CA VAL C 70 0.33 -8.71 -9.11
C VAL C 70 -0.46 -7.43 -8.83
N SER C 71 0.08 -6.58 -7.97
CA SER C 71 -0.56 -5.34 -7.59
C SER C 71 0.38 -4.18 -7.89
N ALA C 72 -0.20 -3.05 -8.28
CA ALA C 72 0.57 -1.86 -8.65
C ALA C 72 0.15 -0.70 -7.79
N SER C 73 1.12 0.07 -7.30
CA SER C 73 0.85 1.23 -6.47
C SER C 73 1.82 2.35 -6.84
N GLN C 74 1.48 3.55 -6.40
CA GLN C 74 2.28 4.74 -6.69
C GLN C 74 3.58 4.79 -5.91
N ASP C 75 3.97 3.75 -5.19
CA ASP C 75 5.27 3.69 -4.54
C ASP C 75 6.32 3.05 -5.43
N GLY C 76 5.97 2.69 -6.67
CA GLY C 76 6.93 2.10 -7.57
C GLY C 76 7.27 0.65 -7.30
N LYS C 77 6.34 -0.09 -6.70
CA LYS C 77 6.56 -1.50 -6.39
C LYS C 77 5.48 -2.35 -7.03
N LEU C 78 5.89 -3.44 -7.67
CA LEU C 78 4.99 -4.48 -8.14
C LEU C 78 5.20 -5.71 -7.25
N ILE C 79 4.15 -6.11 -6.54
CA ILE C 79 4.24 -7.20 -5.58
C ILE C 79 3.37 -8.35 -6.06
N ILE C 80 3.95 -9.54 -6.13
CA ILE C 80 3.18 -10.76 -6.31
C ILE C 80 2.87 -11.34 -4.94
N TRP C 81 1.59 -11.64 -4.71
CA TRP C 81 1.10 -12.10 -3.42
C TRP C 81 0.64 -13.55 -3.53
N ASP C 82 1.06 -14.37 -2.58
CA ASP C 82 0.44 -15.67 -2.37
C ASP C 82 -0.80 -15.41 -1.52
N SER C 83 -1.93 -15.18 -2.19
CA SER C 83 -3.13 -14.74 -1.51
C SER C 83 -3.62 -15.76 -0.50
N TYR C 84 -3.30 -17.04 -0.71
CA TYR C 84 -3.72 -18.07 0.23
C TYR C 84 -3.04 -17.89 1.58
N THR C 85 -1.78 -17.50 1.59
CA THR C 85 -0.99 -17.37 2.81
C THR C 85 -0.54 -15.94 3.07
N THR C 86 -0.98 -14.97 2.27
CA THR C 86 -0.68 -13.55 2.43
C THR C 86 0.80 -13.30 2.16
N ASN C 87 1.54 -14.35 1.80
CA ASN C 87 2.97 -14.22 1.54
C ASN C 87 3.23 -13.36 0.31
N LYS C 88 4.34 -12.62 0.36
CA LYS C 88 4.80 -11.83 -0.78
C LYS C 88 5.82 -12.67 -1.55
N VAL C 89 5.44 -13.09 -2.76
CA VAL C 89 6.34 -13.92 -3.56
C VAL C 89 7.50 -13.09 -4.10
N HIS C 90 7.22 -11.89 -4.59
CA HIS C 90 8.25 -11.05 -5.18
C HIS C 90 7.98 -9.60 -4.80
N ALA C 91 8.90 -8.73 -5.19
CA ALA C 91 8.73 -7.28 -5.02
C ALA C 91 9.62 -6.60 -6.06
N ILE C 92 9.03 -6.16 -7.15
CA ILE C 92 9.75 -5.60 -8.29
C ILE C 92 9.80 -4.08 -8.13
N PRO C 93 10.97 -3.48 -7.95
CA PRO C 93 11.07 -2.03 -8.08
C PRO C 93 10.87 -1.61 -9.52
N LEU C 94 10.29 -0.42 -9.70
CA LEU C 94 9.97 0.10 -11.02
C LEU C 94 10.73 1.39 -11.27
N ARG C 95 11.10 1.61 -12.53
CA ARG C 95 11.84 2.81 -12.89
C ARG C 95 10.99 4.06 -12.68
N SER C 96 9.72 4.01 -13.06
CA SER C 96 8.79 5.12 -12.89
C SER C 96 7.75 4.75 -11.86
N SER C 97 7.44 5.68 -10.96
CA SER C 97 6.55 5.41 -9.85
C SER C 97 5.08 5.51 -10.21
N TRP C 98 4.74 5.98 -11.41
CA TRP C 98 3.34 6.15 -11.79
C TRP C 98 2.90 4.96 -12.63
N VAL C 99 2.06 4.12 -12.05
CA VAL C 99 1.55 2.93 -12.71
C VAL C 99 0.04 3.07 -12.80
N MET C 100 -0.49 3.01 -14.02
CA MET C 100 -1.93 3.02 -14.23
C MET C 100 -2.50 1.64 -14.51
N THR C 101 -1.65 0.66 -14.80
CA THR C 101 -2.12 -0.67 -15.15
C THR C 101 -1.02 -1.69 -14.90
N CYS C 102 -1.43 -2.91 -14.62
CA CYS C 102 -0.51 -4.02 -14.46
C CYS C 102 -1.21 -5.28 -14.96
N ALA C 103 -0.46 -6.15 -15.60
CA ALA C 103 -1.01 -7.36 -16.19
C ALA C 103 -0.16 -8.56 -15.81
N TYR C 104 -0.82 -9.72 -15.74
CA TYR C 104 -0.16 -10.98 -15.45
C TYR C 104 -0.21 -11.82 -16.72
N ALA C 105 0.95 -12.32 -17.14
CA ALA C 105 0.97 -13.16 -18.33
C ALA C 105 0.21 -14.46 -18.05
N PRO C 106 -0.58 -14.94 -19.03
CA PRO C 106 -1.31 -16.20 -18.79
C PRO C 106 -0.39 -17.38 -18.47
N SER C 107 0.78 -17.42 -19.10
CA SER C 107 1.76 -18.46 -18.75
C SER C 107 2.24 -18.29 -17.32
N GLY C 108 2.43 -17.06 -16.87
CA GLY C 108 2.91 -16.79 -15.54
C GLY C 108 4.38 -16.42 -15.45
N ASN C 109 5.08 -16.37 -16.59
CA ASN C 109 6.50 -16.06 -16.58
C ASN C 109 6.79 -14.57 -16.69
N TYR C 110 5.78 -13.75 -16.94
CA TYR C 110 6.01 -12.32 -17.16
C TYR C 110 4.92 -11.50 -16.50
N VAL C 111 5.26 -10.26 -16.16
CA VAL C 111 4.31 -9.26 -15.71
C VAL C 111 4.56 -7.99 -16.51
N ALA C 112 3.48 -7.25 -16.77
CA ALA C 112 3.56 -6.00 -17.50
C ALA C 112 3.17 -4.84 -16.60
N CYS C 113 3.87 -3.73 -16.75
CA CYS C 113 3.63 -2.52 -16.00
C CYS C 113 3.57 -1.34 -16.97
N GLY C 114 2.65 -0.42 -16.71
CA GLY C 114 2.51 0.75 -17.57
C GLY C 114 1.91 1.91 -16.84
N GLY C 115 2.14 3.10 -17.37
CA GLY C 115 1.66 4.31 -16.74
C GLY C 115 2.06 5.58 -17.46
N LEU C 116 2.55 6.55 -16.69
CA LEU C 116 2.81 7.89 -17.21
C LEU C 116 4.09 7.99 -18.03
N ASP C 117 4.90 6.94 -18.07
CA ASP C 117 6.11 6.95 -18.88
C ASP C 117 5.86 6.56 -20.33
N ASN C 118 4.62 6.23 -20.69
CA ASN C 118 4.24 5.81 -22.04
C ASN C 118 5.04 4.60 -22.51
N ILE C 119 5.40 3.72 -21.57
CA ILE C 119 6.21 2.54 -21.86
C ILE C 119 5.59 1.35 -21.15
N CYS C 120 5.49 0.22 -21.86
CA CYS C 120 5.07 -1.05 -21.29
C CYS C 120 6.32 -1.86 -20.98
N SER C 121 6.65 -1.98 -19.71
CA SER C 121 7.82 -2.74 -19.27
C SER C 121 7.40 -4.16 -18.93
N ILE C 122 8.20 -5.12 -19.39
CA ILE C 122 7.89 -6.53 -19.23
C ILE C 122 9.00 -7.17 -18.40
N TYR C 123 8.61 -7.85 -17.34
CA TYR C 123 9.56 -8.40 -16.37
C TYR C 123 9.53 -9.92 -16.41
N ASN C 124 10.72 -10.52 -16.44
CA ASN C 124 10.85 -11.97 -16.43
C ASN C 124 10.88 -12.46 -14.99
N LEU C 125 9.89 -13.24 -14.59
CA LEU C 125 9.81 -13.77 -13.24
C LEU C 125 10.56 -15.09 -13.11
N LYS C 126 10.20 -16.06 -13.96
CA LYS C 126 10.82 -17.38 -13.90
C LYS C 126 12.09 -17.36 -14.74
N THR C 127 13.22 -17.17 -14.07
CA THR C 127 14.52 -17.14 -14.74
C THR C 127 15.58 -17.52 -13.72
N ARG C 128 16.78 -17.81 -14.22
CA ARG C 128 17.90 -18.12 -13.35
C ARG C 128 18.31 -16.87 -12.59
N GLU C 129 19.36 -17.02 -11.76
CA GLU C 129 19.87 -16.00 -10.86
C GLU C 129 18.91 -15.68 -9.72
N GLY C 130 17.71 -16.25 -9.72
CA GLY C 130 16.80 -16.10 -8.60
C GLY C 130 16.23 -14.72 -8.41
N ASN C 131 16.29 -13.85 -9.42
CA ASN C 131 15.79 -12.50 -9.30
C ASN C 131 15.02 -12.12 -10.56
N VAL C 132 14.12 -11.15 -10.42
CA VAL C 132 13.28 -10.69 -11.52
C VAL C 132 14.01 -9.56 -12.25
N ARG C 133 14.07 -9.67 -13.58
CA ARG C 133 14.76 -8.69 -14.41
C ARG C 133 13.85 -8.20 -15.53
N VAL C 134 14.13 -6.99 -16.00
CA VAL C 134 13.38 -6.41 -17.10
C VAL C 134 13.69 -7.18 -18.37
N SER C 135 12.65 -7.64 -19.06
CA SER C 135 12.83 -8.35 -20.33
C SER C 135 12.79 -7.40 -21.51
N ARG C 136 11.73 -6.60 -21.64
CA ARG C 136 11.59 -5.66 -22.74
C ARG C 136 11.01 -4.35 -22.23
N GLU C 137 11.28 -3.28 -22.97
CA GLU C 137 10.75 -1.95 -22.70
C GLU C 137 10.11 -1.44 -23.99
N LEU C 138 8.81 -1.63 -24.12
CA LEU C 138 8.09 -1.26 -25.34
C LEU C 138 7.84 0.23 -25.37
N ALA C 139 8.26 0.88 -26.45
CA ALA C 139 8.13 2.33 -26.61
C ALA C 139 7.53 2.62 -27.97
N GLY C 140 6.77 3.72 -28.04
CA GLY C 140 6.13 4.09 -29.29
C GLY C 140 4.78 4.75 -29.14
N HIS C 141 4.12 4.57 -28.00
CA HIS C 141 2.91 5.33 -27.73
C HIS C 141 3.25 6.80 -27.48
N THR C 142 2.28 7.66 -27.72
CA THR C 142 2.41 9.08 -27.45
C THR C 142 1.83 9.47 -26.10
N GLY C 143 0.66 8.92 -25.75
CA GLY C 143 0.05 9.16 -24.45
C GLY C 143 0.29 8.04 -23.47
N TYR C 144 -0.18 8.26 -22.25
CA TYR C 144 0.02 7.31 -21.17
C TYR C 144 -0.75 6.02 -21.43
N LEU C 145 -0.19 4.90 -21.01
CA LEU C 145 -0.89 3.63 -21.06
C LEU C 145 -1.92 3.59 -19.94
N SER C 146 -3.18 3.33 -20.30
CA SER C 146 -4.24 3.13 -19.34
C SER C 146 -4.46 1.65 -19.02
N CYS C 147 -4.13 0.77 -19.95
CA CYS C 147 -4.30 -0.67 -19.74
C CYS C 147 -3.37 -1.41 -20.67
N CYS C 148 -3.08 -2.67 -20.30
CA CYS C 148 -2.32 -3.57 -21.14
C CYS C 148 -2.70 -4.99 -20.75
N ARG C 149 -2.86 -5.85 -21.75
CA ARG C 149 -3.25 -7.24 -21.51
C ARG C 149 -2.40 -8.15 -22.38
N PHE C 150 -1.84 -9.18 -21.76
CA PHE C 150 -1.06 -10.17 -22.48
C PHE C 150 -1.97 -11.05 -23.33
N LEU C 151 -1.56 -11.32 -24.56
CA LEU C 151 -2.18 -12.35 -25.38
C LEU C 151 -1.43 -13.68 -25.25
N ASP C 152 -0.11 -13.63 -25.36
CA ASP C 152 0.77 -14.77 -25.13
C ASP C 152 2.08 -14.22 -24.59
N ASP C 153 3.12 -15.04 -24.61
CA ASP C 153 4.42 -14.59 -24.11
C ASP C 153 5.10 -13.59 -25.03
N ASN C 154 4.61 -13.41 -26.25
CA ASN C 154 5.25 -12.54 -27.22
C ASN C 154 4.36 -11.43 -27.77
N GLN C 155 3.08 -11.40 -27.42
CA GLN C 155 2.18 -10.35 -27.87
C GLN C 155 1.46 -9.73 -26.68
N ILE C 156 1.36 -8.40 -26.69
CA ILE C 156 0.65 -7.64 -25.68
C ILE C 156 -0.11 -6.52 -26.37
N VAL C 157 -1.36 -6.30 -25.96
CA VAL C 157 -2.19 -5.23 -26.49
C VAL C 157 -2.28 -4.15 -25.43
N THR C 158 -1.95 -2.92 -25.81
CA THR C 158 -1.94 -1.79 -24.91
C THR C 158 -2.95 -0.73 -25.35
N SER C 159 -3.47 0.01 -24.38
CA SER C 159 -4.35 1.14 -24.62
C SER C 159 -3.68 2.39 -24.07
N SER C 160 -3.78 3.49 -24.81
CA SER C 160 -3.05 4.70 -24.46
C SER C 160 -3.96 5.93 -24.54
N GLY C 161 -3.42 7.04 -24.06
CA GLY C 161 -4.04 8.35 -24.11
C GLY C 161 -3.73 9.14 -25.36
N ASP C 162 -3.18 8.51 -26.39
CA ASP C 162 -3.08 9.12 -27.71
C ASP C 162 -4.26 8.71 -28.60
N THR C 163 -5.37 8.31 -27.99
CA THR C 163 -6.58 7.87 -28.69
C THR C 163 -6.34 6.64 -29.56
N THR C 164 -5.33 5.84 -29.22
CA THR C 164 -4.97 4.67 -30.01
C THR C 164 -4.74 3.47 -29.10
N CYS C 165 -4.83 2.28 -29.71
CA CYS C 165 -4.41 1.03 -29.11
C CYS C 165 -3.45 0.35 -30.05
N ALA C 166 -2.53 -0.44 -29.49
CA ALA C 166 -1.47 -1.06 -30.27
C ALA C 166 -1.28 -2.51 -29.87
N LEU C 167 -0.75 -3.30 -30.79
CA LEU C 167 -0.37 -4.68 -30.55
C LEU C 167 1.11 -4.83 -30.83
N TRP C 168 1.83 -5.43 -29.90
CA TRP C 168 3.29 -5.46 -29.94
C TRP C 168 3.82 -6.88 -30.14
N ASP C 169 4.98 -6.97 -30.78
CA ASP C 169 5.80 -8.17 -30.79
C ASP C 169 6.89 -7.98 -29.75
N ILE C 170 6.80 -8.75 -28.66
CA ILE C 170 7.65 -8.50 -27.50
C ILE C 170 9.12 -8.74 -27.85
N GLU C 171 9.40 -9.83 -28.58
CA GLU C 171 10.79 -10.12 -28.93
C GLU C 171 11.39 -9.04 -29.81
N THR C 172 10.65 -8.59 -30.82
CA THR C 172 11.12 -7.50 -31.66
C THR C 172 10.99 -6.14 -30.98
N GLY C 173 9.95 -5.96 -30.18
CA GLY C 173 9.69 -4.66 -29.58
C GLY C 173 9.03 -3.66 -30.50
N GLN C 174 8.30 -4.13 -31.51
CA GLN C 174 7.74 -3.28 -32.54
C GLN C 174 6.22 -3.37 -32.55
N GLN C 175 5.59 -2.27 -32.96
CA GLN C 175 4.13 -2.21 -33.06
C GLN C 175 3.68 -2.97 -34.29
N THR C 176 3.20 -4.19 -34.09
CA THR C 176 2.66 -4.96 -35.21
C THR C 176 1.44 -4.28 -35.81
N THR C 177 0.53 -3.79 -34.96
CA THR C 177 -0.72 -3.21 -35.41
C THR C 177 -1.04 -1.99 -34.55
N THR C 178 -1.59 -0.97 -35.18
CA THR C 178 -2.11 0.20 -34.48
C THR C 178 -3.60 0.33 -34.76
N PHE C 179 -4.34 0.79 -33.74
CA PHE C 179 -5.80 0.91 -33.82
C PHE C 179 -6.18 2.36 -33.60
N THR C 180 -6.79 2.97 -34.63
CA THR C 180 -7.13 4.38 -34.58
C THR C 180 -8.62 4.54 -34.86
N GLY C 181 -9.18 5.64 -34.35
CA GLY C 181 -10.58 5.93 -34.57
C GLY C 181 -11.28 6.54 -33.38
N HIS C 182 -10.81 6.26 -32.17
CA HIS C 182 -11.36 6.90 -30.99
C HIS C 182 -10.98 8.37 -30.98
N THR C 183 -11.90 9.20 -30.48
CA THR C 183 -11.65 10.63 -30.38
C THR C 183 -11.13 11.03 -29.00
N GLY C 184 -11.67 10.43 -27.94
CA GLY C 184 -11.22 10.69 -26.59
C GLY C 184 -10.09 9.75 -26.18
N ASP C 185 -9.82 9.76 -24.88
CA ASP C 185 -8.74 8.97 -24.30
C ASP C 185 -9.27 7.58 -23.94
N VAL C 186 -8.63 6.55 -24.48
CA VAL C 186 -9.00 5.18 -24.11
C VAL C 186 -8.53 4.93 -22.68
N MET C 187 -9.48 4.62 -21.80
CA MET C 187 -9.18 4.46 -20.39
C MET C 187 -9.23 3.02 -19.90
N SER C 188 -9.71 2.09 -20.72
CA SER C 188 -9.83 0.71 -20.28
C SER C 188 -9.77 -0.19 -21.51
N LEU C 189 -9.59 -1.48 -21.25
CA LEU C 189 -9.40 -2.46 -22.30
C LEU C 189 -9.79 -3.82 -21.77
N SER C 190 -10.33 -4.66 -22.64
CA SER C 190 -10.67 -6.02 -22.27
C SER C 190 -10.47 -6.90 -23.49
N LEU C 191 -9.80 -8.03 -23.30
CA LEU C 191 -9.66 -9.03 -24.35
C LEU C 191 -10.80 -10.03 -24.27
N ALA C 192 -11.26 -10.48 -25.44
CA ALA C 192 -12.26 -11.52 -25.50
C ALA C 192 -11.66 -12.85 -25.03
N PRO C 193 -12.52 -13.78 -24.60
CA PRO C 193 -12.00 -15.11 -24.22
C PRO C 193 -11.25 -15.82 -25.34
N ASP C 194 -11.65 -15.62 -26.60
CA ASP C 194 -10.98 -16.23 -27.73
C ASP C 194 -9.84 -15.39 -28.27
N THR C 195 -9.49 -14.30 -27.57
CA THR C 195 -8.42 -13.36 -27.90
C THR C 195 -8.32 -13.07 -29.39
N ARG C 196 -9.46 -12.87 -30.06
CA ARG C 196 -9.47 -12.42 -31.44
C ARG C 196 -10.03 -11.01 -31.60
N LEU C 197 -10.77 -10.51 -30.61
CA LEU C 197 -11.33 -9.17 -30.62
C LEU C 197 -11.12 -8.55 -29.25
N PHE C 198 -11.13 -7.23 -29.18
CA PHE C 198 -11.06 -6.56 -27.89
C PHE C 198 -11.80 -5.24 -27.94
N VAL C 199 -12.44 -4.90 -26.81
CA VAL C 199 -13.13 -3.63 -26.63
C VAL C 199 -12.20 -2.64 -25.96
N SER C 200 -12.47 -1.36 -26.17
CA SER C 200 -11.68 -0.29 -25.58
C SER C 200 -12.59 0.91 -25.35
N GLY C 201 -13.12 1.04 -24.14
CA GLY C 201 -13.91 2.21 -23.78
C GLY C 201 -13.01 3.43 -23.67
N ALA C 202 -13.55 4.58 -24.05
CA ALA C 202 -12.75 5.80 -24.18
C ALA C 202 -13.45 6.96 -23.48
N CYS C 203 -12.77 8.11 -23.50
CA CYS C 203 -13.27 9.32 -22.86
C CYS C 203 -14.32 10.05 -23.68
N ASP C 204 -14.49 9.70 -24.95
CA ASP C 204 -15.49 10.32 -25.80
C ASP C 204 -16.86 9.68 -25.67
N ALA C 205 -17.11 8.98 -24.57
CA ALA C 205 -18.37 8.29 -24.32
C ALA C 205 -18.70 7.32 -25.45
N SER C 206 -17.68 6.63 -25.95
CA SER C 206 -17.84 5.69 -27.05
C SER C 206 -16.98 4.47 -26.79
N ALA C 207 -17.52 3.30 -27.11
CA ALA C 207 -16.81 2.03 -26.99
C ALA C 207 -16.75 1.37 -28.36
N LYS C 208 -15.63 0.73 -28.66
CA LYS C 208 -15.38 0.20 -29.99
C LYS C 208 -14.84 -1.22 -29.91
N LEU C 209 -15.37 -2.10 -30.75
CA LEU C 209 -14.80 -3.41 -30.99
C LEU C 209 -13.73 -3.32 -32.07
N TRP C 210 -12.58 -3.90 -31.80
CA TRP C 210 -11.47 -3.94 -32.75
C TRP C 210 -11.10 -5.38 -33.08
N ASP C 211 -10.57 -5.56 -34.28
CA ASP C 211 -10.12 -6.87 -34.74
C ASP C 211 -8.60 -6.94 -34.66
N VAL C 212 -8.09 -7.88 -33.89
CA VAL C 212 -6.65 -8.00 -33.69
C VAL C 212 -5.96 -8.42 -34.99
N ARG C 213 -6.59 -9.32 -35.75
CA ARG C 213 -5.95 -9.87 -36.94
C ARG C 213 -5.88 -8.84 -38.06
N GLU C 214 -6.98 -8.12 -38.31
CA GLU C 214 -7.03 -7.15 -39.39
C GLU C 214 -6.71 -5.72 -38.98
N GLY C 215 -7.10 -5.29 -37.78
CA GLY C 215 -6.81 -3.94 -37.35
C GLY C 215 -7.87 -2.91 -37.64
N MET C 216 -9.10 -3.33 -37.94
CA MET C 216 -10.18 -2.44 -38.32
C MET C 216 -11.23 -2.39 -37.21
N CYS C 217 -11.77 -1.20 -36.98
CA CYS C 217 -12.81 -1.00 -35.96
C CYS C 217 -14.11 -1.59 -36.47
N ARG C 218 -14.54 -2.70 -35.85
CA ARG C 218 -15.72 -3.39 -36.35
C ARG C 218 -17.00 -2.64 -35.97
N GLN C 219 -17.08 -2.14 -34.75
CA GLN C 219 -18.31 -1.53 -34.25
C GLN C 219 -17.98 -0.35 -33.35
N THR C 220 -18.96 0.54 -33.18
CA THR C 220 -18.86 1.67 -32.28
C THR C 220 -20.17 1.82 -31.52
N PHE C 221 -20.06 2.02 -30.21
CA PHE C 221 -21.21 2.10 -29.32
C PHE C 221 -21.18 3.45 -28.62
N THR C 222 -22.29 4.18 -28.68
CA THR C 222 -22.38 5.51 -28.07
C THR C 222 -23.69 5.61 -27.31
N GLY C 223 -23.61 5.51 -25.98
CA GLY C 223 -24.78 5.69 -25.14
C GLY C 223 -24.53 6.48 -23.87
N HIS C 224 -23.27 6.82 -23.61
CA HIS C 224 -22.89 7.46 -22.36
C HIS C 224 -22.79 8.96 -22.54
N GLU C 225 -22.56 9.67 -21.43
CA GLU C 225 -22.50 11.12 -21.43
C GLU C 225 -21.22 11.68 -20.84
N SER C 226 -20.24 10.84 -20.52
CA SER C 226 -18.99 11.29 -19.92
C SER C 226 -17.94 10.23 -20.18
N ASP C 227 -16.82 10.34 -19.46
CA ASP C 227 -15.71 9.42 -19.64
C ASP C 227 -16.13 8.00 -19.28
N ILE C 228 -15.74 7.04 -20.12
CA ILE C 228 -15.88 5.62 -19.79
C ILE C 228 -14.58 5.17 -19.15
N ASN C 229 -14.66 4.75 -17.88
CA ASN C 229 -13.45 4.43 -17.11
C ASN C 229 -13.09 2.95 -17.15
N ALA C 230 -14.09 2.07 -17.07
CA ALA C 230 -13.85 0.65 -17.00
C ALA C 230 -14.65 -0.06 -18.09
N ILE C 231 -14.14 -1.20 -18.53
CA ILE C 231 -14.80 -1.98 -19.56
C ILE C 231 -14.35 -3.43 -19.42
N CYS C 232 -15.25 -4.37 -19.69
CA CYS C 232 -14.97 -5.77 -19.47
C CYS C 232 -15.95 -6.61 -20.27
N PHE C 233 -15.45 -7.65 -20.92
CA PHE C 233 -16.32 -8.61 -21.60
C PHE C 233 -17.14 -9.43 -20.61
N PHE C 234 -18.40 -9.63 -20.98
CA PHE C 234 -19.17 -10.73 -20.45
C PHE C 234 -18.47 -12.05 -20.78
N PRO C 235 -18.54 -13.05 -19.90
CA PRO C 235 -17.88 -14.33 -20.20
C PRO C 235 -18.31 -14.95 -21.52
N ASN C 236 -19.48 -14.58 -22.05
CA ASN C 236 -19.89 -15.04 -23.37
C ASN C 236 -18.91 -14.57 -24.43
N GLY C 237 -18.44 -13.33 -24.32
CA GLY C 237 -17.64 -12.71 -25.35
C GLY C 237 -18.42 -11.97 -26.41
N ASN C 238 -19.75 -12.04 -26.37
CA ASN C 238 -20.60 -11.34 -27.30
C ASN C 238 -21.21 -10.07 -26.71
N ALA C 239 -20.80 -9.69 -25.50
CA ALA C 239 -21.27 -8.45 -24.89
C ALA C 239 -20.20 -7.94 -23.94
N PHE C 240 -20.29 -6.66 -23.61
CA PHE C 240 -19.38 -6.04 -22.66
C PHE C 240 -20.13 -4.99 -21.85
N ALA C 241 -19.56 -4.66 -20.70
CA ALA C 241 -20.12 -3.66 -19.80
C ALA C 241 -19.14 -2.51 -19.64
N THR C 242 -19.69 -1.30 -19.51
CA THR C 242 -18.88 -0.09 -19.40
C THR C 242 -19.33 0.68 -18.16
N GLY C 243 -18.38 1.00 -17.29
CA GLY C 243 -18.62 1.89 -16.18
C GLY C 243 -18.06 3.27 -16.51
N SER C 244 -18.94 4.27 -16.46
CA SER C 244 -18.58 5.59 -16.92
C SER C 244 -18.51 6.58 -15.76
N ASP C 245 -17.84 7.70 -16.02
CA ASP C 245 -17.73 8.78 -15.05
C ASP C 245 -19.05 9.50 -14.82
N ASP C 246 -20.06 9.24 -15.66
CA ASP C 246 -21.39 9.78 -15.47
C ASP C 246 -22.22 8.96 -14.49
N ALA C 247 -21.58 8.08 -13.72
CA ALA C 247 -22.22 7.30 -12.66
C ALA C 247 -23.29 6.37 -13.22
N THR C 248 -22.87 5.50 -14.15
CA THR C 248 -23.80 4.59 -14.79
C THR C 248 -23.03 3.44 -15.44
N CYS C 249 -23.48 2.22 -15.18
CA CYS C 249 -23.05 1.04 -15.91
C CYS C 249 -24.05 0.72 -17.01
N ARG C 250 -23.54 0.25 -18.15
CA ARG C 250 -24.38 -0.12 -19.26
C ARG C 250 -23.79 -1.33 -19.97
N LEU C 251 -24.65 -2.27 -20.35
CA LEU C 251 -24.25 -3.55 -20.91
C LEU C 251 -24.54 -3.53 -22.41
N PHE C 252 -23.53 -3.17 -23.20
CA PHE C 252 -23.67 -3.13 -24.65
C PHE C 252 -23.60 -4.54 -25.24
N ASP C 253 -24.20 -4.70 -26.41
CA ASP C 253 -24.25 -5.97 -27.11
C ASP C 253 -23.56 -5.83 -28.46
N LEU C 254 -22.71 -6.80 -28.80
CA LEU C 254 -21.90 -6.69 -30.00
C LEU C 254 -22.72 -6.98 -31.25
N ARG C 255 -23.59 -7.98 -31.19
CA ARG C 255 -24.37 -8.38 -32.35
C ARG C 255 -25.59 -7.48 -32.54
N ALA C 256 -26.34 -7.23 -31.46
CA ALA C 256 -27.44 -6.28 -31.54
C ALA C 256 -26.98 -4.86 -31.76
N ASP C 257 -25.72 -4.54 -31.42
CA ASP C 257 -25.08 -3.26 -31.73
C ASP C 257 -25.78 -2.09 -31.04
N GLN C 258 -26.38 -2.33 -29.88
CA GLN C 258 -27.00 -1.26 -29.10
C GLN C 258 -27.07 -1.68 -27.65
N GLU C 259 -27.29 -0.68 -26.79
CA GLU C 259 -27.33 -0.89 -25.35
C GLU C 259 -28.52 -1.76 -24.96
N LEU C 260 -28.29 -2.66 -23.99
CA LEU C 260 -29.37 -3.49 -23.47
C LEU C 260 -29.91 -2.97 -22.13
N MET C 261 -29.05 -2.85 -21.13
CA MET C 261 -29.49 -2.56 -19.77
C MET C 261 -28.60 -1.49 -19.15
N THR C 262 -29.21 -0.60 -18.38
CA THR C 262 -28.51 0.47 -17.69
C THR C 262 -28.65 0.30 -16.19
N TYR C 263 -27.52 0.42 -15.48
CA TYR C 263 -27.47 0.26 -14.03
C TYR C 263 -27.23 1.63 -13.40
N SER C 264 -28.30 2.25 -12.90
CA SER C 264 -28.20 3.55 -12.28
C SER C 264 -29.24 3.64 -11.16
N HIS C 265 -28.90 4.36 -10.10
CA HIS C 265 -29.81 4.56 -8.99
C HIS C 265 -29.82 6.03 -8.62
N ASP C 266 -30.92 6.47 -8.00
CA ASP C 266 -31.11 7.89 -7.73
C ASP C 266 -30.06 8.43 -6.77
N ASN C 267 -29.70 7.67 -5.74
CA ASN C 267 -28.82 8.17 -4.70
C ASN C 267 -27.35 7.99 -5.03
N ILE C 268 -27.01 7.44 -6.18
CA ILE C 268 -25.62 7.23 -6.58
C ILE C 268 -25.23 8.36 -7.53
N ILE C 269 -24.23 9.14 -7.14
CA ILE C 269 -23.76 10.25 -7.94
C ILE C 269 -22.29 10.17 -8.30
N CYS C 270 -21.48 9.44 -7.54
CA CYS C 270 -20.08 9.29 -7.87
C CYS C 270 -19.90 8.36 -9.06
N GLY C 271 -18.80 8.55 -9.78
CA GLY C 271 -18.53 7.79 -10.98
C GLY C 271 -18.16 6.36 -10.68
N ILE C 272 -17.71 5.68 -11.72
CA ILE C 272 -17.37 4.26 -11.67
C ILE C 272 -15.92 4.10 -12.13
N THR C 273 -15.12 3.41 -11.31
CA THR C 273 -13.69 3.30 -11.52
C THR C 273 -13.28 1.98 -12.18
N SER C 274 -13.78 0.87 -11.67
CA SER C 274 -13.43 -0.46 -12.17
C SER C 274 -14.67 -1.30 -12.30
N VAL C 275 -14.70 -2.18 -13.30
CA VAL C 275 -15.81 -3.08 -13.54
C VAL C 275 -15.25 -4.46 -13.84
N SER C 276 -15.79 -5.47 -13.18
CA SER C 276 -15.45 -6.85 -13.49
C SER C 276 -16.69 -7.70 -13.31
N PHE C 277 -16.94 -8.58 -14.27
CA PHE C 277 -18.04 -9.52 -14.17
C PHE C 277 -17.65 -10.64 -13.20
N SER C 278 -18.51 -11.66 -13.13
CA SER C 278 -18.23 -12.87 -12.39
C SER C 278 -18.05 -14.02 -13.36
N LYS C 279 -17.92 -15.22 -12.82
CA LYS C 279 -17.72 -16.40 -13.67
C LYS C 279 -18.92 -16.64 -14.58
N SER C 280 -20.13 -16.52 -14.04
CA SER C 280 -21.33 -16.78 -14.81
C SER C 280 -21.89 -15.56 -15.50
N GLY C 281 -21.47 -14.36 -15.10
CA GLY C 281 -21.94 -13.14 -15.71
C GLY C 281 -23.21 -12.55 -15.12
N ARG C 282 -23.83 -13.24 -14.15
CA ARG C 282 -25.03 -12.69 -13.54
C ARG C 282 -24.71 -11.50 -12.64
N LEU C 283 -23.48 -11.41 -12.14
CA LEU C 283 -23.07 -10.35 -11.24
C LEU C 283 -22.16 -9.38 -11.97
N LEU C 284 -22.44 -8.09 -11.82
CA LEU C 284 -21.67 -7.02 -12.45
C LEU C 284 -21.15 -6.14 -11.33
N LEU C 285 -19.93 -6.42 -10.88
CA LEU C 285 -19.33 -5.69 -9.78
C LEU C 285 -18.64 -4.46 -10.32
N ALA C 286 -18.97 -3.30 -9.75
CA ALA C 286 -18.39 -2.04 -10.16
C ALA C 286 -17.82 -1.32 -8.95
N GLY C 287 -16.57 -0.89 -9.05
CA GLY C 287 -15.98 -0.11 -7.98
C GLY C 287 -16.21 1.38 -8.20
N TYR C 288 -16.67 2.04 -7.15
CA TYR C 288 -17.12 3.42 -7.22
C TYR C 288 -16.17 4.34 -6.47
N ASP C 289 -16.40 5.64 -6.65
CA ASP C 289 -15.58 6.67 -6.02
C ASP C 289 -15.96 6.94 -4.57
N ASP C 290 -17.08 6.39 -4.09
CA ASP C 290 -17.56 6.65 -2.74
C ASP C 290 -17.12 5.58 -1.75
N PHE C 291 -15.93 5.01 -1.96
CA PHE C 291 -15.18 4.15 -1.05
C PHE C 291 -15.71 2.72 -1.02
N ASN C 292 -16.74 2.38 -1.78
CA ASN C 292 -17.23 1.01 -1.80
C ASN C 292 -17.65 0.65 -3.21
N CYS C 293 -17.72 -0.66 -3.46
CA CYS C 293 -18.11 -1.16 -4.77
C CYS C 293 -19.47 -1.84 -4.67
N ASN C 294 -20.27 -1.68 -5.71
CA ASN C 294 -21.64 -2.15 -5.74
C ASN C 294 -21.73 -3.38 -6.63
N VAL C 295 -22.40 -4.42 -6.14
CA VAL C 295 -22.59 -5.66 -6.88
C VAL C 295 -23.95 -5.55 -7.56
N TRP C 296 -23.95 -5.01 -8.77
CA TRP C 296 -25.17 -4.87 -9.54
C TRP C 296 -25.61 -6.22 -10.08
N ASP C 297 -26.93 -6.38 -10.21
CA ASP C 297 -27.47 -7.55 -10.88
C ASP C 297 -27.45 -7.29 -12.39
N ALA C 298 -26.68 -8.11 -13.12
CA ALA C 298 -26.37 -7.80 -14.51
C ALA C 298 -27.61 -7.75 -15.38
N LEU C 299 -28.52 -8.70 -15.19
CA LEU C 299 -29.74 -8.74 -15.99
C LEU C 299 -30.89 -7.94 -15.39
N LYS C 300 -30.76 -7.48 -14.14
CA LYS C 300 -31.86 -6.87 -13.42
C LYS C 300 -31.65 -5.41 -13.05
N ALA C 301 -30.41 -4.91 -13.08
CA ALA C 301 -30.11 -3.50 -12.80
C ALA C 301 -30.62 -3.09 -11.43
N ASP C 302 -30.52 -3.99 -10.46
CA ASP C 302 -30.84 -3.70 -9.07
C ASP C 302 -29.64 -4.03 -8.21
N ARG C 303 -29.25 -3.10 -7.34
CA ARG C 303 -28.11 -3.32 -6.46
C ARG C 303 -28.35 -4.51 -5.55
N ALA C 304 -27.54 -5.55 -5.71
CA ALA C 304 -27.62 -6.73 -4.85
C ALA C 304 -26.73 -6.65 -3.63
N GLY C 305 -25.88 -5.63 -3.53
CA GLY C 305 -25.03 -5.53 -2.35
C GLY C 305 -24.00 -4.43 -2.50
N VAL C 306 -23.29 -4.21 -1.40
CA VAL C 306 -22.23 -3.22 -1.30
C VAL C 306 -21.06 -3.84 -0.55
N LEU C 307 -19.85 -3.54 -0.98
CA LEU C 307 -18.63 -4.01 -0.32
C LEU C 307 -17.94 -2.79 0.31
N ALA C 308 -18.33 -2.48 1.55
CA ALA C 308 -17.80 -1.33 2.27
C ALA C 308 -16.70 -1.82 3.21
N GLY C 309 -15.47 -1.83 2.71
CA GLY C 309 -14.34 -2.25 3.52
C GLY C 309 -13.14 -1.34 3.34
N HIS C 310 -13.27 -0.37 2.45
CA HIS C 310 -12.19 0.54 2.12
C HIS C 310 -12.55 1.95 2.57
N ASP C 311 -11.58 2.66 3.13
CA ASP C 311 -11.79 4.04 3.54
C ASP C 311 -11.33 5.03 2.47
N ASN C 312 -10.98 4.55 1.28
CA ASN C 312 -10.74 5.40 0.12
C ASN C 312 -11.34 4.74 -1.10
N ARG C 313 -11.35 5.46 -2.21
CA ARG C 313 -12.06 5.02 -3.40
C ARG C 313 -11.44 3.75 -3.97
N VAL C 314 -12.28 2.87 -4.48
CA VAL C 314 -11.83 1.61 -5.07
C VAL C 314 -11.25 1.88 -6.45
N SER C 315 -9.99 1.53 -6.64
CA SER C 315 -9.29 1.74 -7.90
C SER C 315 -9.35 0.53 -8.83
N CYS C 316 -9.11 -0.66 -8.29
CA CYS C 316 -9.08 -1.87 -9.08
C CYS C 316 -10.02 -2.90 -8.48
N LEU C 317 -10.57 -3.74 -9.36
CA LEU C 317 -11.59 -4.70 -8.97
C LEU C 317 -11.42 -5.92 -9.87
N GLY C 318 -10.73 -6.94 -9.37
CA GLY C 318 -10.46 -8.15 -10.12
C GLY C 318 -11.19 -9.34 -9.52
N VAL C 319 -11.55 -10.27 -10.39
CA VAL C 319 -12.23 -11.51 -10.00
C VAL C 319 -11.43 -12.68 -10.52
N THR C 320 -11.33 -13.74 -9.71
CA THR C 320 -10.52 -14.89 -10.06
C THR C 320 -11.06 -15.59 -11.29
N ASP C 321 -10.16 -16.23 -12.04
CA ASP C 321 -10.57 -16.99 -13.21
C ASP C 321 -11.42 -18.19 -12.82
N ASP C 322 -11.23 -18.74 -11.62
CA ASP C 322 -12.05 -19.84 -11.14
C ASP C 322 -13.24 -19.37 -10.33
N GLY C 323 -13.42 -18.07 -10.15
CA GLY C 323 -14.58 -17.53 -9.47
C GLY C 323 -14.58 -17.66 -7.97
N MET C 324 -13.45 -18.07 -7.37
CA MET C 324 -13.41 -18.35 -5.94
C MET C 324 -13.17 -17.12 -5.08
N ALA C 325 -12.76 -15.99 -5.66
CA ALA C 325 -12.49 -14.82 -4.84
C ALA C 325 -12.57 -13.56 -5.69
N VAL C 326 -12.74 -12.44 -4.99
CA VAL C 326 -12.72 -11.11 -5.60
C VAL C 326 -11.71 -10.29 -4.81
N ALA C 327 -10.80 -9.63 -5.52
CA ALA C 327 -9.78 -8.81 -4.89
C ALA C 327 -9.99 -7.36 -5.28
N THR C 328 -10.06 -6.50 -4.29
CA THR C 328 -10.32 -5.08 -4.49
C THR C 328 -9.19 -4.28 -3.87
N GLY C 329 -8.63 -3.36 -4.65
CA GLY C 329 -7.60 -2.47 -4.16
C GLY C 329 -8.08 -1.03 -4.24
N SER C 330 -7.67 -0.23 -3.27
CA SER C 330 -8.14 1.15 -3.20
C SER C 330 -6.97 2.10 -2.98
N TRP C 331 -7.28 3.37 -2.75
CA TRP C 331 -6.25 4.33 -2.39
C TRP C 331 -5.78 4.13 -0.96
N ASP C 332 -6.44 3.27 -0.19
CA ASP C 332 -6.08 2.99 1.19
C ASP C 332 -4.79 2.20 1.34
N SER C 333 -4.23 1.70 0.23
CA SER C 333 -3.02 0.88 0.21
C SER C 333 -3.26 -0.52 0.78
N PHE C 334 -4.45 -1.06 0.58
CA PHE C 334 -4.77 -2.41 1.00
C PHE C 334 -5.51 -3.12 -0.13
N LEU C 335 -5.22 -4.41 -0.30
CA LEU C 335 -6.04 -5.28 -1.12
C LEU C 335 -6.85 -6.16 -0.20
N LYS C 336 -8.15 -6.24 -0.45
CA LYS C 336 -9.05 -7.08 0.33
C LYS C 336 -9.56 -8.18 -0.58
N ILE C 337 -9.49 -9.41 -0.10
CA ILE C 337 -9.95 -10.56 -0.84
C ILE C 337 -11.27 -11.00 -0.23
N TRP C 338 -12.35 -10.82 -0.99
CA TRP C 338 -13.70 -11.04 -0.49
C TRP C 338 -14.22 -12.37 -1.00
N ASN C 339 -15.10 -13.02 -0.23
CA ASN C 339 -15.71 -14.31 -0.64
C ASN C 339 -17.20 -14.41 -0.22
N SER D 8 -8.54 17.91 -44.57
CA SER D 8 -9.84 17.69 -43.95
C SER D 8 -10.72 16.80 -44.82
N ILE D 9 -10.50 16.87 -46.14
CA ILE D 9 -11.29 16.04 -47.06
C ILE D 9 -10.94 14.57 -46.87
N ALA D 10 -9.66 14.26 -46.67
CA ALA D 10 -9.26 12.87 -46.45
C ALA D 10 -9.85 12.33 -45.16
N GLN D 11 -9.83 13.13 -44.09
CA GLN D 11 -10.42 12.71 -42.83
C GLN D 11 -11.93 12.51 -42.97
N ALA D 12 -12.60 13.39 -43.71
CA ALA D 12 -14.03 13.22 -43.96
C ALA D 12 -14.31 11.95 -44.74
N ARG D 13 -13.47 11.63 -45.72
CA ARG D 13 -13.66 10.41 -46.49
C ARG D 13 -13.48 9.18 -45.61
N LYS D 14 -12.51 9.22 -44.70
CA LYS D 14 -12.28 8.09 -43.80
C LYS D 14 -13.48 7.87 -42.89
N LEU D 15 -14.12 8.95 -42.44
CA LEU D 15 -15.28 8.81 -41.56
C LEU D 15 -16.42 8.11 -42.27
N VAL D 16 -16.73 8.53 -43.50
CA VAL D 16 -17.76 7.85 -44.28
C VAL D 16 -17.37 6.42 -44.57
N GLU D 17 -16.10 6.21 -44.95
CA GLU D 17 -15.62 4.86 -45.19
C GLU D 17 -15.76 4.00 -43.95
N GLN D 18 -15.49 4.58 -42.78
CA GLN D 18 -15.67 3.86 -41.53
C GLN D 18 -17.15 3.61 -41.24
N LEU D 19 -18.00 4.62 -41.45
CA LEU D 19 -19.43 4.46 -41.15
C LEU D 19 -20.07 3.43 -42.06
N LYS D 20 -19.66 3.39 -43.33
CA LYS D 20 -20.20 2.38 -44.25
C LYS D 20 -19.89 0.98 -43.75
N MET D 21 -18.68 0.77 -43.22
CA MET D 21 -18.35 -0.52 -42.63
C MET D 21 -19.23 -0.80 -41.42
N GLU D 22 -19.65 0.25 -40.71
CA GLU D 22 -20.46 0.06 -39.52
C GLU D 22 -21.88 -0.36 -39.86
N ALA D 23 -22.51 0.31 -40.84
CA ALA D 23 -23.93 0.10 -41.10
C ALA D 23 -24.20 -1.18 -41.89
N ASN D 24 -23.20 -1.72 -42.57
CA ASN D 24 -23.47 -2.72 -43.60
C ASN D 24 -23.46 -4.14 -43.04
N ILE D 25 -22.54 -4.43 -42.12
CA ILE D 25 -22.11 -5.81 -41.88
C ILE D 25 -23.28 -6.73 -41.52
N ASP D 26 -23.88 -6.53 -40.34
CA ASP D 26 -24.94 -7.40 -39.88
C ASP D 26 -25.43 -6.92 -38.53
N ARG D 27 -26.65 -7.30 -38.18
CA ARG D 27 -27.22 -7.08 -36.85
C ARG D 27 -28.27 -8.14 -36.59
N ILE D 28 -28.57 -8.36 -35.31
CA ILE D 28 -29.64 -9.25 -34.90
C ILE D 28 -30.46 -8.52 -33.84
N LYS D 29 -31.69 -9.01 -33.63
CA LYS D 29 -32.59 -8.36 -32.69
C LYS D 29 -32.13 -8.58 -31.26
N VAL D 30 -32.58 -7.67 -30.38
CA VAL D 30 -32.20 -7.74 -28.97
C VAL D 30 -32.73 -9.01 -28.32
N SER D 31 -33.97 -9.39 -28.65
CA SER D 31 -34.58 -10.55 -28.02
C SER D 31 -33.74 -11.81 -28.24
N LYS D 32 -33.24 -12.00 -29.45
CA LYS D 32 -32.32 -13.10 -29.69
C LYS D 32 -31.02 -12.91 -28.91
N ALA D 33 -30.52 -11.68 -28.86
CA ALA D 33 -29.27 -11.41 -28.15
C ALA D 33 -29.47 -11.49 -26.64
N ALA D 34 -30.56 -10.92 -26.14
CA ALA D 34 -30.81 -10.91 -24.70
C ALA D 34 -31.07 -12.32 -24.18
N ALA D 35 -31.80 -13.14 -24.94
CA ALA D 35 -32.10 -14.49 -24.50
C ALA D 35 -30.84 -15.33 -24.38
N ASP D 36 -29.75 -14.92 -25.03
CA ASP D 36 -28.48 -15.62 -24.88
C ASP D 36 -27.87 -15.38 -23.51
N LEU D 37 -27.86 -14.11 -23.06
CA LEU D 37 -27.32 -13.80 -21.75
C LEU D 37 -28.22 -14.33 -20.63
N MET D 38 -29.54 -14.31 -20.87
CA MET D 38 -30.45 -14.98 -19.94
C MET D 38 -30.15 -16.47 -19.86
N ALA D 39 -29.88 -17.09 -21.02
CA ALA D 39 -29.58 -18.51 -21.04
C ALA D 39 -28.16 -18.79 -20.55
N TYR D 40 -27.22 -17.87 -20.82
CA TYR D 40 -25.83 -18.13 -20.45
C TYR D 40 -25.65 -18.17 -18.94
N CYS D 41 -26.17 -17.17 -18.22
CA CYS D 41 -26.00 -17.15 -16.77
C CYS D 41 -26.69 -18.33 -16.11
N GLU D 42 -27.91 -18.66 -16.56
CA GLU D 42 -28.64 -19.78 -15.98
C GLU D 42 -28.00 -21.13 -16.30
N ALA D 43 -27.14 -21.19 -17.32
CA ALA D 43 -26.45 -22.43 -17.65
C ALA D 43 -25.14 -22.59 -16.89
N HIS D 44 -24.47 -21.48 -16.55
CA HIS D 44 -23.22 -21.52 -15.81
C HIS D 44 -23.39 -21.10 -14.37
N ALA D 45 -24.62 -21.15 -13.84
CA ALA D 45 -24.87 -20.68 -12.49
C ALA D 45 -24.35 -21.65 -11.43
N LYS D 46 -24.07 -22.89 -11.79
CA LYS D 46 -23.62 -23.88 -10.82
C LYS D 46 -22.14 -23.74 -10.47
N GLU D 47 -21.40 -22.89 -11.18
CA GLU D 47 -19.97 -22.71 -10.96
C GLU D 47 -19.64 -21.25 -10.65
N ASP D 48 -20.46 -20.61 -9.83
CA ASP D 48 -20.25 -19.21 -9.42
C ASP D 48 -20.23 -19.14 -7.90
N PRO D 49 -19.06 -19.27 -7.28
CA PRO D 49 -19.00 -19.15 -5.82
C PRO D 49 -19.49 -17.82 -5.28
N LEU D 50 -19.34 -16.73 -6.05
CA LEU D 50 -19.85 -15.43 -5.61
C LEU D 50 -21.37 -15.44 -5.49
N LEU D 51 -22.05 -16.07 -6.45
CA LEU D 51 -23.50 -16.16 -6.40
C LEU D 51 -23.95 -17.27 -5.47
N THR D 52 -23.55 -18.51 -5.76
CA THR D 52 -23.91 -19.66 -4.95
C THR D 52 -22.87 -19.85 -3.85
N PRO D 53 -23.26 -19.82 -2.58
CA PRO D 53 -22.28 -20.00 -1.51
C PRO D 53 -21.64 -21.39 -1.56
N VAL D 54 -20.38 -21.45 -1.18
CA VAL D 54 -19.61 -22.69 -1.23
C VAL D 54 -19.34 -23.16 0.20
N PRO D 55 -19.16 -24.46 0.44
CA PRO D 55 -18.84 -24.93 1.78
C PRO D 55 -17.47 -24.44 2.24
N ALA D 56 -17.30 -24.36 3.56
CA ALA D 56 -16.04 -23.90 4.12
C ALA D 56 -14.88 -24.82 3.78
N SER D 57 -15.14 -26.10 3.50
CA SER D 57 -14.08 -27.02 3.15
C SER D 57 -13.55 -26.77 1.74
N GLU D 58 -14.30 -26.07 0.90
CA GLU D 58 -13.88 -25.79 -0.46
C GLU D 58 -13.37 -24.36 -0.66
N ASN D 59 -13.51 -23.50 0.34
CA ASN D 59 -13.04 -22.13 0.22
C ASN D 59 -11.55 -22.07 0.53
N PRO D 60 -10.71 -21.65 -0.42
CA PRO D 60 -9.27 -21.55 -0.16
C PRO D 60 -8.86 -20.30 0.59
N PHE D 61 -9.81 -19.44 0.95
CA PHE D 61 -9.54 -18.22 1.68
C PHE D 61 -10.21 -18.23 3.05
N ARG D 62 -10.16 -19.37 3.72
CA ARG D 62 -10.76 -19.52 5.05
C ARG D 62 -9.99 -18.71 6.09
N ASP E 1 25.99 -19.74 -16.05
CA ASP E 1 26.97 -18.89 -15.40
C ASP E 1 27.00 -19.13 -13.90
N VAL E 2 26.01 -19.87 -13.40
CA VAL E 2 25.97 -20.21 -11.97
C VAL E 2 27.13 -21.15 -11.67
N GLN E 3 27.86 -20.86 -10.60
CA GLN E 3 29.08 -21.59 -10.30
C GLN E 3 29.33 -21.55 -8.80
N LEU E 4 29.40 -22.72 -8.18
CA LEU E 4 29.76 -22.87 -6.78
C LEU E 4 31.05 -23.67 -6.72
N VAL E 5 32.13 -23.03 -6.26
CA VAL E 5 33.45 -23.65 -6.23
C VAL E 5 33.86 -23.86 -4.78
N GLU E 6 34.14 -25.11 -4.42
CA GLU E 6 34.51 -25.46 -3.07
C GLU E 6 36.02 -25.68 -2.96
N SER E 7 36.56 -25.34 -1.79
CA SER E 7 38.00 -25.39 -1.56
C SER E 7 38.23 -25.85 -0.12
N GLY E 8 39.47 -25.69 0.34
CA GLY E 8 39.84 -26.20 1.64
C GLY E 8 40.09 -27.70 1.61
N GLY E 9 39.92 -28.34 2.76
CA GLY E 9 40.06 -29.78 2.80
C GLY E 9 41.50 -30.24 2.70
N GLY E 10 41.65 -31.55 2.47
CA GLY E 10 42.95 -32.16 2.36
C GLY E 10 43.16 -33.22 3.42
N LEU E 11 44.43 -33.38 3.84
CA LEU E 11 44.80 -34.37 4.82
C LEU E 11 44.89 -33.71 6.20
N VAL E 12 44.12 -34.20 7.15
CA VAL E 12 44.10 -33.70 8.52
C VAL E 12 44.26 -34.89 9.48
N GLN E 13 45.12 -34.72 10.48
CA GLN E 13 45.18 -35.70 11.54
C GLN E 13 43.99 -35.56 12.48
N PRO E 14 43.54 -36.64 13.10
CA PRO E 14 42.38 -36.56 13.98
C PRO E 14 42.63 -35.62 15.15
N GLY E 15 41.57 -34.93 15.57
CA GLY E 15 41.63 -33.97 16.64
C GLY E 15 41.83 -32.53 16.19
N GLY E 16 42.23 -32.30 14.94
CA GLY E 16 42.47 -30.98 14.44
C GLY E 16 41.20 -30.32 13.93
N SER E 17 41.40 -29.15 13.30
CA SER E 17 40.30 -28.36 12.78
C SER E 17 40.60 -27.95 11.35
N ARG E 18 39.56 -27.87 10.54
CA ARG E 18 39.68 -27.46 9.14
C ARG E 18 38.43 -26.69 8.75
N LYS E 19 38.62 -25.67 7.92
CA LYS E 19 37.52 -24.82 7.47
C LYS E 19 37.39 -24.91 5.96
N LEU E 20 36.19 -25.22 5.48
CA LEU E 20 35.92 -25.25 4.06
C LEU E 20 35.31 -23.93 3.63
N SER E 21 35.51 -23.58 2.36
CA SER E 21 34.97 -22.36 1.79
C SER E 21 34.37 -22.65 0.42
N CYS E 22 33.18 -22.11 0.18
CA CYS E 22 32.53 -22.19 -1.12
C CYS E 22 32.28 -20.78 -1.64
N SER E 23 32.73 -20.51 -2.86
CA SER E 23 32.59 -19.20 -3.48
C SER E 23 31.54 -19.27 -4.57
N ALA E 24 30.56 -18.37 -4.49
CA ALA E 24 29.44 -18.33 -5.42
C ALA E 24 29.65 -17.20 -6.43
N SER E 25 29.28 -17.47 -7.68
CA SER E 25 29.43 -16.47 -8.74
C SER E 25 28.45 -16.79 -9.85
N GLY E 26 27.51 -15.87 -10.11
CA GLY E 26 26.61 -16.03 -11.23
C GLY E 26 25.13 -15.95 -10.89
N PHE E 27 24.82 -15.62 -9.65
CA PHE E 27 23.42 -15.55 -9.22
C PHE E 27 23.33 -14.68 -7.97
N ALA E 28 22.10 -14.35 -7.60
CA ALA E 28 21.85 -13.53 -6.42
C ALA E 28 22.05 -14.36 -5.16
N PHE E 29 23.30 -14.41 -4.68
CA PHE E 29 23.64 -15.30 -3.57
C PHE E 29 22.92 -14.88 -2.29
N SER E 30 22.64 -13.59 -2.13
CA SER E 30 22.01 -13.12 -0.89
C SER E 30 20.59 -13.63 -0.73
N SER E 31 19.94 -14.04 -1.82
CA SER E 31 18.55 -14.45 -1.79
C SER E 31 18.37 -15.96 -1.78
N PHE E 32 19.43 -16.72 -1.52
CA PHE E 32 19.40 -18.17 -1.59
C PHE E 32 19.77 -18.77 -0.25
N GLY E 33 18.97 -19.72 0.21
CA GLY E 33 19.40 -20.58 1.30
C GLY E 33 20.44 -21.58 0.83
N MET E 34 21.35 -21.92 1.73
CA MET E 34 22.52 -22.69 1.34
C MET E 34 22.69 -23.90 2.25
N HIS E 35 23.17 -24.99 1.68
CA HIS E 35 23.32 -26.26 2.37
C HIS E 35 24.73 -26.80 2.17
N TRP E 36 25.18 -27.60 3.13
CA TRP E 36 26.43 -28.35 3.03
C TRP E 36 26.08 -29.83 3.11
N VAL E 37 26.55 -30.61 2.13
CA VAL E 37 26.25 -32.02 2.03
C VAL E 37 27.55 -32.79 1.81
N ARG E 38 27.75 -33.85 2.59
CA ARG E 38 28.96 -34.65 2.47
C ARG E 38 28.69 -35.90 1.64
N GLN E 39 29.77 -36.58 1.29
CA GLN E 39 29.72 -37.81 0.50
C GLN E 39 30.86 -38.71 0.96
N ALA E 40 30.52 -39.74 1.73
CA ALA E 40 31.53 -40.70 2.14
C ALA E 40 32.07 -41.43 0.91
N PRO E 41 33.30 -41.95 0.99
CA PRO E 41 33.95 -42.47 -0.23
C PRO E 41 33.15 -43.53 -0.95
N GLU E 42 32.43 -44.40 -0.24
CA GLU E 42 31.64 -45.44 -0.87
C GLU E 42 30.26 -45.51 -0.25
N LYS E 43 29.64 -44.34 -0.06
CA LYS E 43 28.32 -44.26 0.55
C LYS E 43 27.52 -43.20 -0.21
N GLY E 44 26.42 -42.76 0.38
CA GLY E 44 25.52 -41.82 -0.26
C GLY E 44 25.64 -40.40 0.24
N LEU E 45 24.83 -39.53 -0.35
CA LEU E 45 24.77 -38.14 0.05
C LEU E 45 24.16 -38.01 1.43
N GLU E 46 24.70 -37.10 2.25
CA GLU E 46 24.27 -36.93 3.63
C GLU E 46 24.25 -35.46 3.98
N TRP E 47 23.15 -35.02 4.62
CA TRP E 47 23.02 -33.63 5.02
C TRP E 47 23.94 -33.33 6.19
N VAL E 48 24.47 -32.10 6.21
CA VAL E 48 25.37 -31.64 7.26
C VAL E 48 24.83 -30.40 7.96
N ALA E 49 24.63 -29.32 7.22
CA ALA E 49 24.15 -28.07 7.81
C ALA E 49 23.35 -27.29 6.78
N TYR E 50 22.54 -26.37 7.27
CA TYR E 50 21.76 -25.48 6.42
C TYR E 50 21.73 -24.09 7.05
N ILE E 51 21.96 -23.06 6.25
CA ILE E 51 21.87 -21.68 6.68
C ILE E 51 20.88 -20.96 5.77
N SER E 52 19.95 -20.24 6.37
CA SER E 52 18.89 -19.58 5.62
C SER E 52 19.39 -18.28 5.00
N SER E 53 18.53 -17.66 4.21
CA SER E 53 18.81 -16.34 3.67
C SER E 53 18.65 -15.30 4.77
N GLY E 54 19.69 -14.51 5.00
CA GLY E 54 19.70 -13.58 6.11
C GLY E 54 20.24 -14.14 7.41
N SER E 55 20.66 -15.40 7.42
CA SER E 55 21.26 -16.03 8.61
C SER E 55 20.33 -15.96 9.82
N GLY E 56 19.04 -16.11 9.58
CA GLY E 56 18.06 -16.08 10.64
C GLY E 56 17.58 -17.44 11.07
N THR E 57 18.00 -18.48 10.33
CA THR E 57 17.59 -19.85 10.64
C THR E 57 18.73 -20.78 10.24
N ILE E 58 19.29 -21.48 11.22
CA ILE E 58 20.39 -22.41 10.99
C ILE E 58 20.03 -23.76 11.58
N TYR E 59 20.21 -24.82 10.80
CA TYR E 59 19.98 -26.19 11.25
C TYR E 59 21.21 -27.03 10.97
N TYR E 60 21.69 -27.73 11.99
CA TYR E 60 22.80 -28.67 11.85
C TYR E 60 22.28 -30.08 12.02
N ALA E 61 22.99 -31.03 11.41
CA ALA E 61 22.65 -32.43 11.59
C ALA E 61 23.07 -32.91 12.97
N ASP E 62 22.27 -33.82 13.54
CA ASP E 62 22.56 -34.35 14.86
C ASP E 62 23.87 -35.12 14.89
N THR E 63 24.35 -35.57 13.73
CA THR E 63 25.60 -36.31 13.69
C THR E 63 26.80 -35.42 14.01
N VAL E 64 26.74 -34.14 13.60
CA VAL E 64 27.84 -33.21 13.83
C VAL E 64 27.36 -31.94 14.52
N LYS E 65 26.29 -32.05 15.29
CA LYS E 65 25.74 -30.89 16.00
C LYS E 65 26.61 -30.61 17.22
N GLY E 66 27.29 -29.46 17.22
CA GLY E 66 28.12 -29.07 18.34
C GLY E 66 29.55 -28.78 17.96
N ARG E 67 30.12 -29.59 17.05
CA ARG E 67 31.49 -29.41 16.60
C ARG E 67 31.56 -28.91 15.16
N PHE E 68 30.44 -28.49 14.58
CA PHE E 68 30.40 -27.88 13.26
C PHE E 68 29.80 -26.49 13.38
N THR E 69 30.30 -25.56 12.57
CA THR E 69 29.75 -24.21 12.51
C THR E 69 29.53 -23.84 11.06
N ILE E 70 28.35 -23.27 10.76
CA ILE E 70 28.03 -22.78 9.42
C ILE E 70 27.88 -21.27 9.48
N SER E 71 28.38 -20.60 8.44
CA SER E 71 28.33 -19.16 8.36
C SER E 71 28.44 -18.75 6.91
N ARG E 72 28.09 -17.49 6.64
CA ARG E 72 28.09 -16.99 5.28
C ARG E 72 28.46 -15.52 5.28
N ASP E 73 28.99 -15.06 4.16
CA ASP E 73 29.35 -13.65 3.96
C ASP E 73 28.80 -13.21 2.61
N ASP E 74 27.59 -12.66 2.62
CA ASP E 74 26.96 -12.22 1.37
C ASP E 74 27.77 -11.17 0.64
N PRO E 75 28.31 -10.12 1.29
CA PRO E 75 29.17 -9.19 0.53
C PRO E 75 30.38 -9.86 -0.09
N LYS E 76 30.93 -10.90 0.54
CA LYS E 76 32.03 -11.64 -0.03
C LYS E 76 31.58 -12.77 -0.95
N ASN E 77 30.27 -13.01 -1.04
CA ASN E 77 29.70 -14.03 -1.91
C ASN E 77 30.28 -15.42 -1.61
N THR E 78 30.51 -15.69 -0.33
CA THR E 78 31.07 -16.95 0.09
C THR E 78 30.38 -17.41 1.37
N LEU E 79 30.42 -18.71 1.61
CA LEU E 79 29.95 -19.29 2.86
C LEU E 79 30.95 -20.33 3.33
N PHE E 80 31.05 -20.49 4.65
CA PHE E 80 32.11 -21.26 5.27
C PHE E 80 31.52 -22.38 6.11
N LEU E 81 32.31 -23.44 6.30
CA LEU E 81 31.98 -24.51 7.24
C LEU E 81 33.19 -24.72 8.14
N GLN E 82 33.11 -24.22 9.37
CA GLN E 82 34.18 -24.36 10.33
C GLN E 82 34.03 -25.69 11.05
N MET E 83 35.00 -26.57 10.86
CA MET E 83 34.98 -27.90 11.45
C MET E 83 36.05 -27.97 12.53
N THR E 84 35.65 -28.38 13.72
CA THR E 84 36.56 -28.56 14.84
C THR E 84 36.37 -29.95 15.42
N SER E 85 37.44 -30.50 15.99
CA SER E 85 37.43 -31.85 16.56
C SER E 85 37.03 -32.88 15.50
N LEU E 86 37.80 -32.89 14.42
CA LEU E 86 37.50 -33.77 13.30
C LEU E 86 37.63 -35.23 13.71
N ARG E 87 36.69 -36.04 13.24
CA ARG E 87 36.60 -37.44 13.61
C ARG E 87 37.04 -38.33 12.47
N SER E 88 37.34 -39.58 12.81
CA SER E 88 37.67 -40.59 11.81
C SER E 88 36.46 -41.01 10.98
N GLU E 89 35.26 -40.63 11.39
CA GLU E 89 34.05 -40.89 10.64
C GLU E 89 33.63 -39.72 9.76
N ASP E 90 34.44 -38.67 9.68
CA ASP E 90 34.13 -37.49 8.88
C ASP E 90 34.79 -37.50 7.52
N THR E 91 35.45 -38.59 7.14
CA THR E 91 36.11 -38.68 5.84
C THR E 91 35.05 -38.69 4.74
N ALA E 92 34.92 -37.57 4.03
CA ALA E 92 33.91 -37.43 2.99
C ALA E 92 34.27 -36.24 2.12
N MET E 93 33.60 -36.13 0.98
CA MET E 93 33.77 -35.00 0.08
C MET E 93 32.54 -34.11 0.17
N TYR E 94 32.76 -32.83 0.44
CA TYR E 94 31.70 -31.90 0.83
C TYR E 94 31.26 -31.06 -0.35
N TYR E 95 29.95 -31.02 -0.59
CA TYR E 95 29.37 -30.18 -1.62
C TYR E 95 28.62 -29.03 -0.98
N CYS E 96 28.40 -27.99 -1.78
CA CYS E 96 27.63 -26.83 -1.36
C CYS E 96 26.49 -26.61 -2.34
N VAL E 97 25.28 -26.44 -1.81
CA VAL E 97 24.07 -26.44 -2.61
C VAL E 97 23.26 -25.19 -2.32
N ARG E 98 22.67 -24.60 -3.36
CA ARG E 98 21.80 -23.45 -3.21
C ARG E 98 20.34 -23.86 -3.30
N SER E 99 19.50 -23.22 -2.49
CA SER E 99 18.07 -23.50 -2.47
C SER E 99 17.32 -22.23 -2.18
N ILE E 100 16.31 -21.93 -3.01
CA ILE E 100 15.44 -20.79 -2.78
C ILE E 100 14.06 -21.31 -2.42
N TYR E 101 13.30 -20.48 -1.70
CA TYR E 101 12.04 -20.92 -1.11
C TYR E 101 10.99 -19.83 -1.29
N TYR E 102 10.09 -20.02 -2.25
CA TYR E 102 8.88 -19.24 -2.36
C TYR E 102 7.84 -20.09 -3.09
N TYR E 103 6.71 -19.49 -3.40
CA TYR E 103 5.64 -20.23 -4.06
C TYR E 103 6.04 -20.56 -5.48
N GLY E 104 6.16 -21.86 -5.78
CA GLY E 104 6.54 -22.33 -7.10
C GLY E 104 8.02 -22.42 -7.35
N SER E 105 8.85 -22.38 -6.30
CA SER E 105 10.29 -22.39 -6.48
C SER E 105 10.80 -23.82 -6.66
N SER E 106 12.09 -23.94 -6.97
CA SER E 106 12.76 -25.21 -7.18
C SER E 106 14.03 -25.25 -6.34
N PRO E 107 13.92 -25.59 -5.06
CA PRO E 107 15.11 -25.66 -4.21
C PRO E 107 15.99 -26.85 -4.53
N PHE E 108 17.24 -26.76 -4.07
CA PHE E 108 18.29 -27.75 -4.37
C PHE E 108 18.54 -27.86 -5.87
N ASP E 109 18.38 -26.73 -6.58
CA ASP E 109 18.43 -26.78 -8.04
C ASP E 109 19.87 -26.90 -8.55
N PHE E 110 20.81 -26.22 -7.91
CA PHE E 110 22.19 -26.21 -8.36
C PHE E 110 23.11 -26.74 -7.27
N TRP E 111 24.04 -27.61 -7.67
CA TRP E 111 25.06 -28.15 -6.79
C TRP E 111 26.43 -27.70 -7.25
N GLY E 112 27.35 -27.56 -6.29
CA GLY E 112 28.72 -27.23 -6.59
C GLY E 112 29.56 -28.46 -6.80
N GLN E 113 30.88 -28.24 -6.84
CA GLN E 113 31.84 -29.33 -6.92
C GLN E 113 32.02 -29.94 -5.54
N GLY E 114 33.09 -30.71 -5.34
CA GLY E 114 33.35 -31.33 -4.06
C GLY E 114 34.75 -31.04 -3.57
N THR E 115 34.86 -30.93 -2.25
CA THR E 115 36.15 -30.80 -1.58
C THR E 115 36.39 -32.05 -0.73
N THR E 116 37.50 -32.73 -0.99
CA THR E 116 37.83 -33.94 -0.27
C THR E 116 38.36 -33.60 1.12
N LEU E 117 37.96 -34.38 2.12
CA LEU E 117 38.44 -34.23 3.49
C LEU E 117 38.75 -35.62 4.03
N THR E 118 40.03 -35.91 4.25
CA THR E 118 40.46 -37.19 4.80
C THR E 118 41.01 -36.97 6.20
N VAL E 119 40.43 -37.64 7.18
CA VAL E 119 40.86 -37.57 8.56
C VAL E 119 41.38 -38.94 8.96
N SER E 120 42.63 -38.99 9.39
CA SER E 120 43.27 -40.25 9.77
C SER E 120 42.70 -40.77 11.08
N SER E 136 11.06 -39.65 15.40
CA SER E 136 12.36 -38.98 15.40
C SER E 136 12.67 -38.39 14.04
N ASP E 137 13.19 -39.22 13.14
CA ASP E 137 13.56 -38.79 11.80
C ASP E 137 13.01 -39.78 10.78
N ILE E 138 12.64 -39.25 9.60
CA ILE E 138 12.19 -40.10 8.52
C ILE E 138 13.36 -40.88 7.93
N VAL E 139 13.09 -42.07 7.41
CA VAL E 139 14.09 -42.95 6.85
C VAL E 139 13.74 -43.25 5.40
N MET E 140 14.71 -43.08 4.51
CA MET E 140 14.55 -43.43 3.11
C MET E 140 14.88 -44.91 2.87
N THR E 141 14.27 -45.46 1.83
CA THR E 141 14.41 -46.86 1.47
C THR E 141 14.63 -46.96 -0.03
N GLN E 142 15.91 -46.98 -0.43
CA GLN E 142 16.27 -47.25 -1.83
C GLN E 142 16.64 -48.73 -1.92
N ALA E 143 15.60 -49.57 -1.96
CA ALA E 143 15.80 -51.00 -1.88
C ALA E 143 16.61 -51.53 -3.06
N THR E 144 16.31 -51.06 -4.27
CA THR E 144 17.06 -51.50 -5.44
C THR E 144 18.46 -50.90 -5.43
N SER E 145 19.43 -51.64 -4.90
CA SER E 145 20.80 -51.13 -4.79
C SER E 145 21.40 -50.88 -6.17
N SER E 146 21.19 -51.80 -7.11
CA SER E 146 21.73 -51.65 -8.46
C SER E 146 20.91 -52.51 -9.40
N VAL E 147 20.33 -51.91 -10.44
CA VAL E 147 19.55 -52.64 -11.42
C VAL E 147 20.05 -52.31 -12.82
N PRO E 148 20.49 -53.31 -13.60
CA PRO E 148 20.96 -53.03 -14.96
C PRO E 148 19.80 -52.83 -15.93
N VAL E 149 19.97 -51.85 -16.82
CA VAL E 149 18.96 -51.51 -17.82
C VAL E 149 19.64 -51.37 -19.17
N THR E 150 19.03 -51.95 -20.21
CA THR E 150 19.56 -51.82 -21.55
C THR E 150 19.27 -50.43 -22.11
N PRO E 151 20.18 -49.88 -22.91
CA PRO E 151 19.93 -48.56 -23.53
C PRO E 151 18.74 -48.60 -24.46
N GLY E 152 18.02 -47.48 -24.52
CA GLY E 152 16.84 -47.35 -25.36
C GLY E 152 15.56 -47.82 -24.72
N GLU E 153 15.62 -48.47 -23.57
CA GLU E 153 14.44 -48.96 -22.88
C GLU E 153 13.98 -47.92 -21.85
N SER E 154 13.05 -48.30 -20.98
CA SER E 154 12.53 -47.43 -19.93
C SER E 154 12.72 -48.10 -18.58
N VAL E 155 13.12 -47.31 -17.59
CA VAL E 155 13.34 -47.78 -16.23
C VAL E 155 12.58 -46.88 -15.26
N SER E 156 11.96 -47.50 -14.27
CA SER E 156 11.20 -46.79 -13.24
C SER E 156 11.80 -47.07 -11.88
N ILE E 157 12.00 -46.01 -11.10
CA ILE E 157 12.56 -46.09 -9.76
C ILE E 157 11.45 -45.82 -8.75
N SER E 158 11.43 -46.59 -7.67
CA SER E 158 10.43 -46.44 -6.63
C SER E 158 11.08 -45.93 -5.35
N CYS E 159 10.40 -45.00 -4.68
CA CYS E 159 10.85 -44.47 -3.41
C CYS E 159 9.76 -44.72 -2.37
N ARG E 160 10.18 -45.03 -1.14
CA ARG E 160 9.26 -45.25 -0.04
C ARG E 160 9.90 -44.77 1.24
N SER E 161 9.33 -43.72 1.83
CA SER E 161 9.80 -43.19 3.09
C SER E 161 9.02 -43.87 4.22
N SER E 162 9.16 -43.35 5.45
CA SER E 162 8.48 -43.89 6.61
C SER E 162 7.45 -42.93 7.17
N LYS E 163 6.83 -42.13 6.30
CA LYS E 163 5.88 -41.10 6.72
C LYS E 163 5.14 -40.60 5.50
N SER E 164 3.89 -40.20 5.70
CA SER E 164 3.12 -39.58 4.62
C SER E 164 3.75 -38.26 4.22
N LEU E 165 4.23 -38.18 2.99
CA LEU E 165 4.96 -37.02 2.50
C LEU E 165 4.06 -35.99 1.82
N LEU E 166 2.78 -35.98 2.15
CA LEU E 166 1.85 -34.97 1.65
C LEU E 166 1.39 -34.13 2.84
N HIS E 167 1.59 -32.82 2.76
CA HIS E 167 1.19 -31.92 3.82
C HIS E 167 -0.19 -31.37 3.51
N SER E 168 -0.84 -30.80 4.52
CA SER E 168 -2.19 -30.30 4.38
C SER E 168 -2.30 -29.12 3.41
N ASN E 169 -1.19 -28.48 3.06
CA ASN E 169 -1.21 -27.40 2.08
C ASN E 169 -1.17 -27.90 0.65
N GLY E 170 -1.27 -29.21 0.44
CA GLY E 170 -1.24 -29.78 -0.89
C GLY E 170 0.13 -30.01 -1.45
N ASN E 171 1.18 -29.64 -0.72
CA ASN E 171 2.56 -29.74 -1.21
C ASN E 171 3.15 -31.08 -0.77
N THR E 172 3.42 -31.94 -1.74
CA THR E 172 4.23 -33.13 -1.51
C THR E 172 5.70 -32.76 -1.42
N TYR E 173 6.51 -33.68 -0.92
CA TYR E 173 7.92 -33.39 -0.65
C TYR E 173 8.84 -34.56 -0.99
N LEU E 174 9.28 -34.62 -2.25
CA LEU E 174 10.48 -35.38 -2.61
C LEU E 174 11.18 -34.69 -3.77
N TYR E 175 12.49 -34.56 -3.65
CA TYR E 175 13.32 -34.03 -4.71
C TYR E 175 14.18 -35.17 -5.23
N TRP E 176 14.12 -35.42 -6.54
CA TRP E 176 14.89 -36.46 -7.17
C TRP E 176 16.23 -35.92 -7.64
N PHE E 177 17.29 -36.71 -7.46
CA PHE E 177 18.64 -36.29 -7.78
C PHE E 177 19.33 -37.37 -8.62
N LEU E 178 20.24 -36.92 -9.49
CA LEU E 178 20.99 -37.79 -10.36
C LEU E 178 22.47 -37.46 -10.20
N GLN E 179 23.26 -38.45 -9.76
CA GLN E 179 24.68 -38.28 -9.58
C GLN E 179 25.42 -39.06 -10.66
N ARG E 180 25.82 -38.38 -11.71
CA ARG E 180 26.59 -38.99 -12.78
C ARG E 180 28.02 -39.27 -12.29
N PRO E 181 28.68 -40.27 -12.87
CA PRO E 181 30.06 -40.56 -12.46
C PRO E 181 30.96 -39.35 -12.70
N GLY E 182 31.79 -39.06 -11.70
CA GLY E 182 32.71 -37.93 -11.80
C GLY E 182 32.02 -36.60 -11.96
N GLN E 183 30.86 -36.43 -11.33
CA GLN E 183 30.09 -35.21 -11.48
C GLN E 183 29.27 -34.98 -10.22
N SER E 184 28.88 -33.73 -10.03
CA SER E 184 28.04 -33.37 -8.91
C SER E 184 26.59 -33.82 -9.14
N PRO E 185 25.85 -34.07 -8.07
CA PRO E 185 24.44 -34.42 -8.24
C PRO E 185 23.65 -33.28 -8.85
N GLN E 186 22.62 -33.63 -9.60
CA GLN E 186 21.77 -32.65 -10.25
C GLN E 186 20.31 -32.93 -9.90
N LEU E 187 19.49 -31.89 -9.96
CA LEU E 187 18.09 -31.98 -9.59
C LEU E 187 17.24 -32.24 -10.82
N LEU E 188 16.44 -33.30 -10.77
CA LEU E 188 15.53 -33.66 -11.86
C LEU E 188 14.12 -33.15 -11.59
N ILE E 189 13.55 -33.53 -10.45
CA ILE E 189 12.18 -33.20 -10.11
C ILE E 189 12.15 -32.59 -8.71
N TYR E 190 11.35 -31.55 -8.52
CA TYR E 190 11.03 -31.02 -7.21
C TYR E 190 9.56 -31.25 -6.92
N ARG E 191 9.29 -31.92 -5.80
CA ARG E 191 7.92 -32.20 -5.33
C ARG E 191 7.15 -33.08 -6.32
N MET E 192 7.69 -34.28 -6.52
CA MET E 192 7.05 -35.35 -7.31
C MET E 192 6.82 -35.03 -8.78
N SER E 193 5.97 -34.04 -9.06
CA SER E 193 5.46 -33.87 -10.41
C SER E 193 5.81 -32.51 -11.01
N ASN E 194 7.07 -32.11 -10.90
CA ASN E 194 7.51 -30.82 -11.43
C ASN E 194 8.89 -30.97 -12.06
N LEU E 195 8.96 -30.84 -13.37
CA LEU E 195 10.25 -30.84 -14.06
C LEU E 195 11.04 -29.59 -13.73
N ALA E 196 12.36 -29.73 -13.72
CA ALA E 196 13.25 -28.63 -13.39
C ALA E 196 13.58 -27.84 -14.65
N SER E 197 14.55 -26.94 -14.56
CA SER E 197 15.00 -26.16 -15.70
C SER E 197 16.14 -26.88 -16.41
N GLY E 198 16.06 -26.91 -17.73
CA GLY E 198 17.06 -27.62 -18.52
C GLY E 198 17.05 -29.12 -18.33
N VAL E 199 15.87 -29.73 -18.26
CA VAL E 199 15.75 -31.17 -18.07
C VAL E 199 14.84 -31.72 -19.15
N PRO E 200 15.21 -32.82 -19.82
CA PRO E 200 14.35 -33.39 -20.85
C PRO E 200 13.00 -33.84 -20.29
N ASP E 201 11.98 -33.74 -21.14
CA ASP E 201 10.61 -34.02 -20.72
C ASP E 201 10.36 -35.50 -20.41
N ARG E 202 11.29 -36.39 -20.75
CA ARG E 202 11.05 -37.82 -20.53
C ARG E 202 11.00 -38.16 -19.05
N PHE E 203 11.74 -37.44 -18.21
CA PHE E 203 11.66 -37.66 -16.78
C PHE E 203 10.29 -37.27 -16.25
N SER E 204 9.74 -38.08 -15.36
CA SER E 204 8.45 -37.80 -14.75
C SER E 204 8.37 -38.48 -13.39
N GLY E 205 7.45 -37.99 -12.57
CA GLY E 205 7.25 -38.57 -11.25
C GLY E 205 5.80 -38.47 -10.85
N SER E 206 5.36 -39.45 -10.06
CA SER E 206 3.97 -39.52 -9.62
C SER E 206 3.90 -40.44 -8.41
N GLY E 207 2.68 -40.63 -7.91
CA GLY E 207 2.45 -41.48 -6.76
C GLY E 207 1.67 -40.81 -5.65
N SER E 208 1.84 -41.30 -4.43
CA SER E 208 1.19 -40.73 -3.26
C SER E 208 2.13 -40.90 -2.06
N GLY E 209 1.61 -40.66 -0.86
CA GLY E 209 2.39 -40.79 0.35
C GLY E 209 3.06 -42.15 0.51
N THR E 210 4.36 -42.15 0.79
CA THR E 210 5.21 -43.33 0.96
C THR E 210 5.27 -44.20 -0.29
N ALA E 211 4.62 -43.77 -1.37
CA ALA E 211 4.57 -44.57 -2.60
C ALA E 211 4.81 -43.61 -3.78
N PHE E 212 6.07 -43.47 -4.16
CA PHE E 212 6.47 -42.56 -5.21
C PHE E 212 7.30 -43.29 -6.25
N THR E 213 7.19 -42.86 -7.51
CA THR E 213 7.92 -43.45 -8.61
C THR E 213 8.41 -42.39 -9.57
N LEU E 214 9.63 -42.56 -10.07
CA LEU E 214 10.19 -41.77 -11.15
C LEU E 214 10.39 -42.66 -12.36
N THR E 215 9.98 -42.18 -13.52
CA THR E 215 10.11 -42.93 -14.77
C THR E 215 11.13 -42.24 -15.67
N ILE E 216 12.05 -43.03 -16.23
CA ILE E 216 13.00 -42.54 -17.23
C ILE E 216 12.63 -43.22 -18.53
N SER E 217 11.76 -42.57 -19.31
CA SER E 217 11.35 -43.12 -20.60
C SER E 217 12.41 -42.82 -21.64
N ARG E 218 12.67 -43.82 -22.50
CA ARG E 218 13.68 -43.71 -23.56
C ARG E 218 15.05 -43.40 -22.97
N LEU E 219 15.57 -44.35 -22.21
CA LEU E 219 16.89 -44.22 -21.62
C LEU E 219 17.94 -43.97 -22.69
N GLU E 220 18.85 -43.04 -22.42
CA GLU E 220 19.85 -42.66 -23.40
C GLU E 220 21.26 -42.62 -22.80
N ALA E 221 22.22 -42.17 -23.59
CA ALA E 221 23.58 -42.01 -23.08
C ALA E 221 23.66 -40.81 -22.15
N GLU E 222 24.76 -40.74 -21.39
CA GLU E 222 24.98 -39.69 -20.40
C GLU E 222 23.86 -39.66 -19.36
N ASP E 223 23.28 -40.83 -19.07
CA ASP E 223 22.20 -40.95 -18.11
C ASP E 223 22.53 -41.99 -17.05
N VAL E 224 23.74 -42.56 -17.10
CA VAL E 224 24.17 -43.51 -16.08
C VAL E 224 24.49 -42.76 -14.79
N GLY E 225 24.01 -43.28 -13.67
CA GLY E 225 24.28 -42.66 -12.40
C GLY E 225 23.50 -43.32 -11.28
N VAL E 226 23.71 -42.80 -10.08
CA VAL E 226 23.05 -43.28 -8.87
C VAL E 226 21.98 -42.26 -8.48
N TYR E 227 20.75 -42.72 -8.32
CA TYR E 227 19.61 -41.86 -8.07
C TYR E 227 19.31 -41.84 -6.58
N TYR E 228 19.04 -40.64 -6.05
CA TYR E 228 18.78 -40.45 -4.64
C TYR E 228 17.41 -39.82 -4.43
N CYS E 229 16.91 -39.94 -3.20
CA CYS E 229 15.56 -39.52 -2.84
C CYS E 229 15.65 -38.71 -1.56
N MET E 230 15.22 -37.45 -1.61
CA MET E 230 15.30 -36.56 -0.45
C MET E 230 13.92 -36.07 -0.06
N GLN E 231 13.68 -35.98 1.26
CA GLN E 231 12.47 -35.38 1.79
C GLN E 231 12.73 -33.95 2.26
N HIS E 232 11.65 -33.19 2.43
CA HIS E 232 11.77 -31.81 2.88
C HIS E 232 10.67 -31.40 3.87
N LEU E 233 9.93 -32.35 4.45
CA LEU E 233 8.80 -31.96 5.34
C LEU E 233 9.35 -31.60 6.70
N GLU E 234 10.46 -32.21 7.08
CA GLU E 234 11.00 -31.75 8.35
C GLU E 234 12.50 -31.93 8.37
N TYR E 235 13.25 -30.95 8.85
CA TYR E 235 14.69 -31.26 9.05
C TYR E 235 14.70 -32.44 10.05
N PRO E 236 15.70 -33.34 10.18
CA PRO E 236 16.92 -33.31 9.41
C PRO E 236 16.69 -33.69 7.95
N LEU E 237 17.58 -33.27 7.04
CA LEU E 237 17.42 -33.54 5.60
C LEU E 237 17.98 -34.90 5.25
N THR E 238 17.30 -35.98 5.60
CA THR E 238 17.69 -37.35 5.26
C THR E 238 17.47 -37.61 3.77
N PHE E 239 18.48 -38.20 3.13
CA PHE E 239 18.45 -38.49 1.71
C PHE E 239 18.27 -39.99 1.49
N GLY E 240 18.21 -40.37 0.22
CA GLY E 240 18.07 -41.77 -0.12
C GLY E 240 19.37 -42.54 0.03
N ALA E 241 19.24 -43.87 0.08
CA ALA E 241 20.41 -44.73 0.13
C ALA E 241 21.10 -44.85 -1.21
N GLY E 242 20.33 -44.68 -2.30
CA GLY E 242 20.92 -44.70 -3.63
C GLY E 242 20.46 -45.86 -4.50
N THR E 243 19.92 -45.55 -5.67
CA THR E 243 19.50 -46.54 -6.65
C THR E 243 20.38 -46.39 -7.88
N LYS E 244 21.04 -47.48 -8.28
CA LYS E 244 22.04 -47.43 -9.32
C LYS E 244 21.49 -47.92 -10.65
N LEU E 245 21.99 -47.34 -11.73
CA LEU E 245 21.75 -47.81 -13.09
C LEU E 245 23.09 -47.85 -13.81
N GLU E 246 23.33 -48.95 -14.54
CA GLU E 246 24.62 -49.16 -15.18
C GLU E 246 24.41 -49.78 -16.56
N LEU E 247 25.45 -49.67 -17.38
CA LEU E 247 25.44 -50.25 -18.72
C LEU E 247 25.79 -51.74 -18.63
N LYS E 248 26.03 -52.37 -19.77
CA LYS E 248 26.41 -53.78 -19.81
C LYS E 248 27.26 -54.08 -21.04
#